data_4FUS
#
_entry.id   4FUS
#
_cell.length_a   61.690
_cell.length_b   78.389
_cell.length_c   67.075
_cell.angle_alpha   90.00
_cell.angle_beta   98.94
_cell.angle_gamma   90.00
#
_symmetry.space_group_name_H-M   'P 1 21 1'
#
loop_
_entity.id
_entity.type
_entity.pdbx_description
1 polymer 'RTX toxins and related Ca2+-binding protein'
2 branched beta-D-glucopyranose-(1-4)-beta-D-glucopyranose
3 non-polymer DI(HYDROXYETHYL)ETHER
4 non-polymer GLYCEROL
5 non-polymer 'PHOSPHATE ION'
6 non-polymer 'ACETATE ION'
7 non-polymer 1,2-ETHANEDIOL
8 non-polymer 'CALCIUM ION'
9 non-polymer 'SODIUM ION'
10 water water
#
_entity_poly.entity_id   1
_entity_poly.type   'polypeptide(L)'
_entity_poly.pdbx_seq_one_letter_code
;MGSSHHHHHHSSGLVPRGSHMASSAEEYNERFMEMWNKIHDPANGYFSADGGPYHSVETLIVEAPDHGHESTSEAYSYFL
LLEAYYGKVTGDWSKLRNAWAKMEEHIIPTQEMQPTNNFYNPSKPASYAAEHAQPSGYPSQLEFGVPVGEDPISAKLAQT
YGSWDVYGMHWLLDMDNIYGYGNLGDGVSTPSYINTFQRGEQESVWETVTHPSWESFKWGGPNGFLPLFTKDNNYSRQWR
YTNAPDADARAVQVMYWAYQWIKEQGKDPEQEVPGLMAKAAKMGDYLRLAMFDKYFKKMGTQDKNAQGGKGYESAHYLMS
WYYAWGGAADANAGWAFRIGSS(OHI)VHFGYQNPIAAMALSEFDPLKPRTPGATEDWATGLKRSMEFYTWLQSAEGGIA
GGATNSWDGSYKPHPQDRADATFYGMVYDENPVYHDPGSGTWFGWQAWSMQRVAEYYYLKGDAQAKQLMDKWAPWVLSNI
NWLEDGSFEIPATLEWTGKPEKWDPANPKANTNLHVSVVDHGQDLGIAAGVAKALMFYAAAAEKYDTPQNEAKEASKKLL
DAMWTHFKTPKGLAAPEKRGDYARFFDKVYVPGEFNGSMANGDAINSESTFLSMRSFYLDDPMFKQVEDALNSGEDPVFT
YHRFWAQTEAATAYANYAALFEGDNPCDEGCAPTAQPLSVSTRVNKAVSITLKGTDSDG
;
_entity_poly.pdbx_strand_id   A
#
# COMPACT_ATOMS: atom_id res chain seq x y z
N SER A 24 23.29 -24.54 -4.59
CA SER A 24 23.06 -24.89 -3.18
C SER A 24 22.15 -23.90 -2.44
N ALA A 25 21.55 -24.40 -1.36
CA ALA A 25 20.81 -23.60 -0.38
C ALA A 25 21.76 -22.64 0.25
N GLU A 26 22.92 -23.13 0.68
CA GLU A 26 23.86 -22.31 1.41
C GLU A 26 24.28 -21.09 0.55
N GLU A 27 24.40 -21.24 -0.79
CA GLU A 27 24.83 -20.07 -1.65
C GLU A 27 23.77 -18.96 -1.67
N TYR A 28 22.52 -19.38 -1.86
CA TYR A 28 21.38 -18.43 -1.90
C TYR A 28 21.17 -17.83 -0.53
N ASN A 29 21.37 -18.61 0.50
CA ASN A 29 21.32 -18.02 1.83
C ASN A 29 22.43 -17.01 2.12
N GLU A 30 23.59 -17.27 1.57
CA GLU A 30 24.69 -16.30 1.63
C GLU A 30 24.40 -15.01 0.87
N ARG A 31 23.71 -15.10 -0.27
CA ARG A 31 23.30 -13.92 -1.03
C ARG A 31 22.34 -13.08 -0.18
N PHE A 32 21.39 -13.76 0.44
CA PHE A 32 20.50 -13.04 1.37
C PHE A 32 21.25 -12.36 2.49
N MET A 33 22.18 -13.09 3.10
N MET A 33 22.16 -13.08 3.14
CA MET A 33 22.91 -12.57 4.24
CA MET A 33 22.90 -12.51 4.29
C MET A 33 23.78 -11.34 3.86
C MET A 33 23.78 -11.33 3.86
N GLU A 34 24.41 -11.44 2.69
CA GLU A 34 25.23 -10.32 2.16
C GLU A 34 24.34 -9.08 1.99
N MET A 35 23.15 -9.27 1.41
N MET A 35 23.15 -9.27 1.45
CA MET A 35 22.17 -8.21 1.25
CA MET A 35 22.23 -8.17 1.28
C MET A 35 21.72 -7.68 2.61
C MET A 35 21.68 -7.67 2.62
N TRP A 36 21.36 -8.57 3.54
CA TRP A 36 20.93 -8.18 4.84
C TRP A 36 22.00 -7.30 5.53
N ASN A 37 23.24 -7.77 5.45
CA ASN A 37 24.40 -6.97 5.92
C ASN A 37 24.54 -5.56 5.31
N LYS A 38 24.33 -5.42 4.02
CA LYS A 38 24.34 -4.17 3.35
C LYS A 38 23.23 -3.25 3.83
N ILE A 39 22.05 -3.83 4.05
CA ILE A 39 20.90 -3.03 4.48
C ILE A 39 21.06 -2.53 5.90
N HIS A 40 21.73 -3.28 6.74
CA HIS A 40 21.91 -2.99 8.14
C HIS A 40 23.24 -2.33 8.48
N ASP A 41 24.10 -2.15 7.50
CA ASP A 41 25.36 -1.39 7.67
C ASP A 41 25.01 0.11 7.65
N PRO A 42 25.23 0.77 8.79
CA PRO A 42 24.85 2.21 8.82
C PRO A 42 25.52 3.06 7.75
N ALA A 43 26.64 2.62 7.21
CA ALA A 43 27.37 3.35 6.15
C ALA A 43 26.53 3.44 4.89
N ASN A 44 25.54 2.52 4.77
CA ASN A 44 24.72 2.54 3.54
C ASN A 44 23.47 3.33 3.66
N GLY A 45 23.12 3.79 4.88
CA GLY A 45 22.02 4.84 4.94
C GLY A 45 20.61 4.38 4.71
N TYR A 46 20.28 3.10 4.94
CA TYR A 46 18.87 2.65 4.80
C TYR A 46 17.91 3.12 5.90
N PHE A 47 18.44 3.36 7.10
CA PHE A 47 17.64 3.68 8.26
C PHE A 47 17.90 5.08 8.77
N SER A 48 16.89 5.74 9.36
CA SER A 48 16.98 7.06 9.94
C SER A 48 17.71 6.99 11.33
N ALA A 49 17.88 8.18 11.89
CA ALA A 49 18.52 8.37 13.21
C ALA A 49 17.72 7.67 14.26
N ASP A 50 16.43 7.52 14.06
CA ASP A 50 15.56 6.78 14.97
C ASP A 50 15.43 5.26 14.71
N GLY A 51 16.13 4.74 13.73
CA GLY A 51 16.15 3.31 13.52
C GLY A 51 14.97 2.78 12.73
N GLY A 52 14.33 3.65 12.00
CA GLY A 52 13.20 3.25 11.13
C GLY A 52 13.69 3.29 9.69
N PRO A 53 13.18 2.38 8.82
CA PRO A 53 13.62 2.43 7.40
C PRO A 53 13.19 3.66 6.71
N TYR A 54 14.07 4.21 5.88
CA TYR A 54 13.59 5.19 4.87
C TYR A 54 12.93 4.54 3.68
N HIS A 55 12.14 5.34 2.93
CA HIS A 55 11.68 4.81 1.66
C HIS A 55 12.82 4.29 0.84
N SER A 56 13.85 5.14 0.67
CA SER A 56 15.03 4.85 -0.14
C SER A 56 16.27 5.48 0.48
N VAL A 57 17.41 4.92 0.15
CA VAL A 57 18.69 5.56 0.58
C VAL A 57 18.85 6.97 0.02
N GLU A 58 18.56 7.15 -1.25
CA GLU A 58 18.69 8.40 -1.97
C GLU A 58 17.52 9.34 -1.60
N THR A 59 17.78 10.62 -1.44
CA THR A 59 16.76 11.55 -0.99
C THR A 59 15.84 12.05 -2.11
N LEU A 60 16.34 12.29 -3.31
CA LEU A 60 15.56 12.78 -4.43
C LEU A 60 14.88 11.72 -5.25
N ILE A 61 13.61 11.56 -4.97
CA ILE A 61 12.80 10.49 -5.51
C ILE A 61 11.34 10.88 -5.26
N VAL A 62 10.52 10.71 -6.29
CA VAL A 62 9.15 11.18 -6.24
C VAL A 62 8.31 10.11 -6.94
N GLU A 63 7.41 9.46 -6.18
CA GLU A 63 6.58 8.39 -6.79
C GLU A 63 5.31 8.04 -6.04
N ALA A 64 5.39 7.92 -4.73
CA ALA A 64 4.23 7.74 -3.89
C ALA A 64 4.57 8.53 -2.67
N PRO A 65 5.62 8.16 -1.86
CA PRO A 65 6.11 9.35 -1.15
C PRO A 65 6.76 10.38 -2.13
N ASP A 66 7.01 11.60 -1.65
CA ASP A 66 7.67 12.64 -2.48
C ASP A 66 9.10 13.08 -2.06
N HIS A 67 9.68 12.32 -1.16
CA HIS A 67 11.08 12.46 -0.76
C HIS A 67 11.50 11.08 -0.28
N GLY A 68 12.77 10.68 -0.54
CA GLY A 68 13.26 9.36 -0.16
C GLY A 68 13.49 9.14 1.30
N HIS A 69 13.54 10.25 2.09
CA HIS A 69 13.60 10.16 3.52
C HIS A 69 12.30 10.41 4.25
N GLU A 70 11.21 10.34 3.50
CA GLU A 70 9.96 9.87 4.03
C GLU A 70 10.10 8.37 4.30
N SER A 71 9.11 7.81 4.99
CA SER A 71 8.89 6.42 5.09
C SER A 71 7.41 6.12 5.01
N THR A 72 7.10 4.83 4.87
CA THR A 72 5.71 4.41 4.58
C THR A 72 5.43 3.19 5.40
N SER A 73 4.13 2.95 5.62
CA SER A 73 3.74 1.72 6.28
C SER A 73 4.19 0.52 5.42
N GLU A 74 4.17 0.65 4.10
CA GLU A 74 4.75 -0.35 3.21
C GLU A 74 6.22 -0.73 3.63
N ALA A 75 7.06 0.27 3.78
CA ALA A 75 8.47 0.09 4.23
C ALA A 75 8.47 -0.63 5.54
N TYR A 76 7.66 -0.22 6.52
CA TYR A 76 7.63 -0.96 7.77
C TYR A 76 7.23 -2.44 7.58
N SER A 77 6.31 -2.71 6.71
CA SER A 77 5.86 -4.06 6.49
C SER A 77 6.98 -4.89 5.91
N TYR A 78 7.73 -4.28 5.00
CA TYR A 78 8.93 -4.90 4.44
C TYR A 78 10.07 -5.10 5.40
N PHE A 79 10.16 -4.20 6.37
CA PHE A 79 11.15 -4.32 7.48
C PHE A 79 10.82 -5.53 8.27
N LEU A 80 9.53 -5.75 8.56
CA LEU A 80 9.13 -6.98 9.23
C LEU A 80 9.57 -8.24 8.40
N LEU A 81 9.25 -8.26 7.09
CA LEU A 81 9.64 -9.35 6.15
C LEU A 81 11.14 -9.61 6.22
N LEU A 82 11.95 -8.53 6.18
CA LEU A 82 13.38 -8.65 6.15
C LEU A 82 13.86 -9.38 7.41
N GLU A 83 13.35 -8.98 8.59
CA GLU A 83 13.87 -9.50 9.83
C GLU A 83 13.27 -10.93 10.09
N ALA A 84 12.09 -11.21 9.55
CA ALA A 84 11.44 -12.51 9.64
C ALA A 84 12.29 -13.51 8.87
N TYR A 85 12.76 -13.13 7.66
CA TYR A 85 13.70 -14.04 6.95
C TYR A 85 15.03 -14.17 7.66
N TYR A 86 15.49 -13.12 8.34
CA TYR A 86 16.73 -13.22 9.10
C TYR A 86 16.58 -14.22 10.24
N GLY A 87 15.48 -14.14 10.94
CA GLY A 87 15.06 -15.18 11.88
C GLY A 87 15.09 -16.61 11.33
N LYS A 88 14.48 -16.79 10.19
CA LYS A 88 14.35 -18.04 9.49
C LYS A 88 15.73 -18.65 9.22
N VAL A 89 16.64 -17.82 8.69
CA VAL A 89 17.94 -18.25 8.26
C VAL A 89 18.86 -18.45 9.44
N THR A 90 18.79 -17.62 10.47
CA THR A 90 19.79 -17.71 11.51
C THR A 90 19.34 -18.24 12.84
N GLY A 91 18.02 -18.32 13.13
CA GLY A 91 17.54 -18.62 14.47
C GLY A 91 17.39 -17.46 15.42
N ASP A 92 17.84 -16.31 15.02
CA ASP A 92 17.78 -15.09 15.83
C ASP A 92 16.58 -14.22 15.47
N TRP A 93 15.59 -14.24 16.38
CA TRP A 93 14.27 -13.55 16.24
C TRP A 93 14.28 -12.19 16.85
N SER A 94 15.46 -11.76 17.38
CA SER A 94 15.51 -10.44 18.00
C SER A 94 15.34 -9.32 17.02
N LYS A 95 15.72 -9.54 15.78
CA LYS A 95 15.61 -8.51 14.77
C LYS A 95 14.17 -8.28 14.48
N LEU A 96 13.42 -9.36 14.37
CA LEU A 96 11.92 -9.23 14.26
C LEU A 96 11.24 -8.55 15.45
N ARG A 97 11.61 -8.87 16.67
CA ARG A 97 11.11 -8.18 17.84
C ARG A 97 11.36 -6.69 17.72
N ASN A 98 12.55 -6.31 17.25
CA ASN A 98 12.94 -4.95 17.13
C ASN A 98 12.09 -4.26 16.08
N ALA A 99 11.84 -4.92 14.95
CA ALA A 99 11.14 -4.30 13.89
C ALA A 99 9.69 -3.96 14.30
N TRP A 100 9.04 -4.93 14.96
CA TRP A 100 7.68 -4.72 15.43
C TRP A 100 7.65 -3.55 16.41
N ALA A 101 8.63 -3.49 17.31
CA ALA A 101 8.69 -2.43 18.32
C ALA A 101 8.89 -1.07 17.63
N LYS A 102 9.74 -1.04 16.60
CA LYS A 102 9.98 0.21 15.86
C LYS A 102 8.69 0.65 15.13
N MET A 103 7.98 -0.31 14.56
N MET A 103 7.99 -0.30 14.58
CA MET A 103 6.67 -0.04 13.96
CA MET A 103 6.74 0.00 13.94
C MET A 103 5.77 0.62 14.98
C MET A 103 5.73 0.59 14.95
N GLU A 104 5.58 -0.01 16.14
CA GLU A 104 4.67 0.52 17.11
C GLU A 104 5.10 1.92 17.58
N GLU A 105 6.40 2.08 17.80
CA GLU A 105 6.90 3.34 18.27
C GLU A 105 6.75 4.47 17.27
N HIS A 106 6.89 4.17 15.99
CA HIS A 106 7.00 5.19 14.95
C HIS A 106 5.74 5.49 14.23
N ILE A 107 4.94 4.46 13.95
CA ILE A 107 3.93 4.62 12.87
C ILE A 107 2.48 4.32 13.26
N ILE A 108 2.32 3.76 14.44
CA ILE A 108 0.98 3.54 15.04
C ILE A 108 0.75 4.62 16.09
N PRO A 109 -0.18 5.58 15.86
CA PRO A 109 -0.33 6.76 16.79
C PRO A 109 -0.62 6.32 18.23
N THR A 110 0.16 6.87 19.14
CA THR A 110 -0.05 6.63 20.55
C THR A 110 -1.40 7.31 20.93
N GLN A 111 -1.89 7.01 22.13
CA GLN A 111 -3.12 7.65 22.67
C GLN A 111 -3.04 9.14 22.60
N GLU A 112 -1.90 9.70 23.03
CA GLU A 112 -1.67 11.17 23.00
C GLU A 112 -1.79 11.75 21.58
N MET A 113 -1.44 10.94 20.59
N MET A 113 -1.44 10.94 20.59
CA MET A 113 -1.50 11.34 19.21
CA MET A 113 -1.48 11.33 19.20
C MET A 113 -2.84 11.10 18.52
C MET A 113 -2.84 11.10 18.52
N GLN A 114 -3.69 10.28 19.14
CA GLN A 114 -5.10 10.11 18.67
C GLN A 114 -6.04 10.29 19.88
N PRO A 115 -6.13 11.55 20.43
CA PRO A 115 -6.59 11.79 21.83
C PRO A 115 -8.08 11.88 22.00
N THR A 116 -8.82 11.89 20.91
CA THR A 116 -10.24 12.16 20.96
C THR A 116 -11.16 11.22 20.22
N ASN A 117 -10.76 9.97 20.15
CA ASN A 117 -11.63 8.93 19.63
C ASN A 117 -12.90 8.74 20.49
N ASN A 118 -12.86 9.22 21.74
CA ASN A 118 -14.06 9.23 22.58
C ASN A 118 -15.17 10.08 22.00
N PHE A 119 -14.85 10.99 21.09
CA PHE A 119 -15.89 11.75 20.39
C PHE A 119 -16.61 10.93 19.32
N TYR A 120 -16.07 9.78 18.94
CA TYR A 120 -16.61 9.04 17.78
C TYR A 120 -17.97 8.41 18.06
N ASN A 121 -18.83 8.51 17.05
CA ASN A 121 -20.20 7.97 17.08
C ASN A 121 -20.38 7.07 15.90
N PRO A 122 -20.28 5.76 16.13
CA PRO A 122 -20.37 4.78 15.05
C PRO A 122 -21.67 4.80 14.32
N SER A 123 -22.70 5.37 14.95
CA SER A 123 -23.96 5.59 14.20
C SER A 123 -23.91 6.72 13.22
N LYS A 124 -23.00 7.63 13.39
CA LYS A 124 -22.86 8.74 12.45
C LYS A 124 -21.31 8.92 12.27
N PRO A 125 -20.73 8.04 11.47
CA PRO A 125 -19.26 7.95 11.43
C PRO A 125 -18.51 9.13 10.86
N ALA A 126 -19.13 9.91 10.01
CA ALA A 126 -18.46 10.94 9.22
C ALA A 126 -19.49 11.85 8.59
N SER A 127 -19.01 12.89 7.92
CA SER A 127 -19.86 13.74 7.06
C SER A 127 -19.34 13.69 5.63
N TYR A 128 -20.26 13.54 4.69
CA TYR A 128 -19.97 13.38 3.29
C TYR A 128 -19.42 14.65 2.63
N ALA A 129 -18.37 14.46 1.85
CA ALA A 129 -17.93 15.44 0.83
C ALA A 129 -17.65 14.69 -0.45
N ALA A 130 -18.02 15.28 -1.58
CA ALA A 130 -17.83 14.65 -2.85
C ALA A 130 -16.30 14.59 -3.14
N GLU A 131 -15.91 13.63 -3.96
CA GLU A 131 -14.62 13.71 -4.61
C GLU A 131 -14.81 14.38 -5.98
N HIS A 132 -13.72 14.90 -6.52
CA HIS A 132 -13.75 15.67 -7.80
C HIS A 132 -12.72 15.15 -8.79
N ALA A 133 -12.98 15.41 -10.07
CA ALA A 133 -12.24 14.83 -11.15
C ALA A 133 -10.87 15.56 -11.35
N GLN A 134 -10.71 16.75 -10.76
CA GLN A 134 -9.44 17.53 -10.73
C GLN A 134 -9.18 18.14 -9.36
N PRO A 135 -7.87 18.31 -8.98
CA PRO A 135 -7.65 19.05 -7.72
C PRO A 135 -8.33 20.42 -7.69
N SER A 136 -8.61 21.05 -8.85
CA SER A 136 -9.27 22.38 -8.82
C SER A 136 -10.72 22.32 -8.24
N GLY A 137 -11.28 21.10 -8.18
CA GLY A 137 -12.55 20.79 -7.53
C GLY A 137 -12.63 21.01 -6.00
N TYR A 138 -11.46 21.22 -5.39
CA TYR A 138 -11.28 21.21 -3.97
C TYR A 138 -10.92 22.63 -3.55
N PRO A 139 -11.27 23.03 -2.32
CA PRO A 139 -11.89 22.23 -1.27
C PRO A 139 -13.32 21.78 -1.55
N SER A 140 -13.65 20.57 -1.10
CA SER A 140 -14.94 19.95 -1.34
C SER A 140 -15.86 20.32 -0.18
N GLN A 141 -17.09 20.68 -0.52
CA GLN A 141 -18.08 21.12 0.43
C GLN A 141 -18.54 19.98 1.33
N LEU A 142 -18.57 20.18 2.64
CA LEU A 142 -19.12 19.11 3.51
C LEU A 142 -20.65 19.22 3.38
N GLU A 143 -21.29 18.09 3.09
CA GLU A 143 -22.77 18.07 2.91
C GLU A 143 -23.45 17.33 4.04
N PHE A 144 -23.84 18.09 5.04
CA PHE A 144 -24.44 17.56 6.25
C PHE A 144 -25.84 16.98 6.03
N GLY A 145 -26.46 17.25 4.90
CA GLY A 145 -27.71 16.58 4.57
C GLY A 145 -27.57 15.26 3.85
N VAL A 146 -26.34 14.75 3.67
CA VAL A 146 -26.18 13.51 2.89
C VAL A 146 -26.02 12.38 3.96
N PRO A 147 -26.84 11.34 3.87
CA PRO A 147 -26.78 10.25 4.87
C PRO A 147 -25.48 9.44 4.79
N VAL A 148 -24.97 9.10 5.95
CA VAL A 148 -23.81 8.26 6.04
C VAL A 148 -24.31 6.98 6.77
N GLY A 149 -23.85 5.82 6.39
CA GLY A 149 -24.27 4.54 7.04
C GLY A 149 -23.68 4.35 8.44
N GLU A 150 -24.06 3.25 9.05
CA GLU A 150 -23.56 2.84 10.34
C GLU A 150 -22.24 2.05 10.22
N ASP A 151 -21.34 2.38 11.13
CA ASP A 151 -20.08 1.55 11.34
C ASP A 151 -20.38 0.37 12.28
N PRO A 152 -20.40 -0.86 11.78
CA PRO A 152 -20.92 -1.95 12.59
C PRO A 152 -19.83 -2.61 13.42
N ILE A 153 -18.59 -2.10 13.37
CA ILE A 153 -17.48 -2.74 14.05
C ILE A 153 -16.75 -1.97 15.15
N SER A 154 -16.73 -0.64 15.07
CA SER A 154 -15.88 0.12 15.96
C SER A 154 -16.29 -0.07 17.42
N ALA A 155 -17.59 -0.13 17.72
CA ALA A 155 -18.01 -0.22 19.14
C ALA A 155 -17.55 -1.55 19.68
N LYS A 156 -17.60 -2.61 18.84
CA LYS A 156 -17.17 -3.94 19.31
C LYS A 156 -15.63 -4.05 19.44
N LEU A 157 -14.91 -3.41 18.52
CA LEU A 157 -13.47 -3.28 18.68
C LEU A 157 -13.13 -2.55 19.96
N ALA A 158 -13.82 -1.45 20.26
CA ALA A 158 -13.50 -0.70 21.50
C ALA A 158 -13.73 -1.54 22.73
N GLN A 159 -14.81 -2.32 22.72
CA GLN A 159 -15.07 -3.25 23.84
C GLN A 159 -14.01 -4.35 23.96
N THR A 160 -13.62 -4.93 22.86
CA THR A 160 -12.54 -5.93 22.86
C THR A 160 -11.23 -5.46 23.51
N TYR A 161 -10.78 -4.28 23.13
CA TYR A 161 -9.44 -3.79 23.54
C TYR A 161 -9.43 -2.75 24.62
N GLY A 162 -10.59 -2.38 25.11
CA GLY A 162 -10.66 -1.45 26.27
C GLY A 162 -10.27 -0.05 25.92
N SER A 163 -10.61 0.42 24.72
CA SER A 163 -10.08 1.66 24.23
C SER A 163 -10.80 2.01 22.95
N TRP A 164 -11.04 3.32 22.73
CA TRP A 164 -11.56 3.86 21.44
C TRP A 164 -10.46 4.07 20.39
N ASP A 165 -9.19 3.84 20.79
CA ASP A 165 -8.09 4.13 19.86
C ASP A 165 -8.03 3.08 18.71
N VAL A 166 -7.46 3.46 17.56
CA VAL A 166 -7.25 2.51 16.44
C VAL A 166 -5.80 1.98 16.46
N TYR A 167 -5.64 0.66 16.35
CA TYR A 167 -4.34 0.05 16.23
C TYR A 167 -4.11 -0.37 14.76
N GLY A 168 -3.58 0.58 14.00
CA GLY A 168 -3.22 0.41 12.60
C GLY A 168 -2.17 1.42 12.26
N MET A 169 -1.46 1.14 11.18
CA MET A 169 -0.35 1.99 10.81
C MET A 169 -0.87 3.22 10.01
N HIS A 170 -0.41 4.42 10.32
CA HIS A 170 -0.63 5.54 9.36
C HIS A 170 0.34 5.25 8.19
N TRP A 171 0.06 5.72 6.99
CA TRP A 171 0.81 5.38 5.83
C TRP A 171 2.12 6.13 5.56
N LEU A 172 2.30 7.33 6.09
CA LEU A 172 3.35 8.26 5.63
C LEU A 172 4.02 8.98 6.75
N LEU A 173 5.36 8.81 6.85
CA LEU A 173 6.15 9.54 7.81
C LEU A 173 7.21 10.45 7.13
N ASP A 174 7.62 11.51 7.84
CA ASP A 174 8.78 12.31 7.42
C ASP A 174 9.88 11.99 8.42
N MET A 175 10.82 11.17 7.99
CA MET A 175 11.77 10.56 8.95
C MET A 175 12.83 11.53 9.46
N ASP A 176 13.17 12.52 8.63
CA ASP A 176 14.27 13.47 8.98
C ASP A 176 13.68 14.84 9.36
N ASN A 177 12.36 14.95 9.47
CA ASN A 177 11.70 16.25 9.69
C ASN A 177 12.00 17.23 8.59
N ILE A 178 12.09 16.75 7.36
CA ILE A 178 12.43 17.62 6.27
C ILE A 178 11.40 18.73 6.01
N TYR A 179 10.12 18.44 6.26
CA TYR A 179 9.01 19.42 6.15
C TYR A 179 8.84 20.25 7.43
N GLY A 180 9.55 19.91 8.52
CA GLY A 180 9.53 20.82 9.64
C GLY A 180 8.33 20.76 10.52
N TYR A 181 7.45 19.77 10.34
CA TYR A 181 6.23 19.70 11.22
C TYR A 181 6.42 19.06 12.57
N GLY A 182 7.42 18.19 12.72
CA GLY A 182 7.53 17.41 13.95
C GLY A 182 6.23 16.64 14.19
N ASN A 183 5.89 16.45 15.45
CA ASN A 183 4.57 15.87 15.83
C ASN A 183 3.84 16.76 16.83
N LEU A 184 2.54 16.58 16.89
CA LEU A 184 1.67 17.36 17.72
C LEU A 184 1.92 18.91 17.56
N GLY A 185 2.35 19.32 16.36
CA GLY A 185 2.60 20.74 16.13
C GLY A 185 3.92 21.25 16.68
N ASP A 186 4.84 20.36 17.04
CA ASP A 186 6.05 20.78 17.72
C ASP A 186 7.21 21.21 16.88
N GLY A 187 7.15 20.96 15.56
CA GLY A 187 8.19 21.38 14.62
C GLY A 187 9.51 20.67 14.71
N VAL A 188 9.62 19.64 15.57
CA VAL A 188 10.93 19.01 15.94
C VAL A 188 10.99 17.46 15.97
N SER A 189 9.92 16.76 16.39
CA SER A 189 9.98 15.33 16.71
C SER A 189 9.94 14.51 15.42
N THR A 190 10.66 13.41 15.48
CA THR A 190 10.76 12.47 14.41
C THR A 190 10.52 11.05 14.89
N PRO A 191 10.01 10.17 13.98
CA PRO A 191 9.43 10.38 12.64
C PRO A 191 8.14 11.23 12.75
N SER A 192 7.98 12.19 11.83
CA SER A 192 6.90 13.18 11.85
C SER A 192 5.71 12.63 11.06
N TYR A 193 4.53 12.61 11.62
CA TYR A 193 3.39 12.13 10.88
C TYR A 193 2.88 13.16 9.87
N ILE A 194 2.86 12.80 8.60
CA ILE A 194 2.46 13.71 7.56
C ILE A 194 1.49 13.09 6.57
N ASN A 195 0.86 13.88 5.73
CA ASN A 195 0.11 13.35 4.65
C ASN A 195 0.17 14.27 3.41
N THR A 196 -0.27 13.74 2.31
CA THR A 196 -0.14 14.42 0.99
C THR A 196 -1.46 14.31 0.29
N PHE A 197 -1.70 13.16 -0.29
CA PHE A 197 -2.89 12.97 -1.18
C PHE A 197 -4.20 13.26 -0.48
N GLN A 198 -4.99 14.17 -1.04
N GLN A 198 -5.00 14.17 -1.04
CA GLN A 198 -6.30 14.52 -0.54
CA GLN A 198 -6.33 14.55 -0.54
C GLN A 198 -7.26 15.07 -1.58
C GLN A 198 -7.33 14.84 -1.65
N ARG A 199 -6.86 15.17 -2.84
CA ARG A 199 -7.68 15.92 -3.82
C ARG A 199 -8.06 15.15 -5.08
N GLY A 200 -8.50 13.93 -4.83
CA GLY A 200 -9.00 13.05 -5.89
C GLY A 200 -8.04 12.32 -6.84
N GLU A 201 -8.63 11.77 -7.90
CA GLU A 201 -7.96 10.89 -8.90
C GLU A 201 -6.96 11.56 -9.82
N GLN A 202 -7.10 12.86 -10.01
CA GLN A 202 -6.13 13.59 -10.83
C GLN A 202 -5.10 14.28 -9.97
N GLU A 203 -5.08 14.11 -8.65
CA GLU A 203 -4.02 14.73 -7.86
C GLU A 203 -2.82 13.75 -7.79
N SER A 204 -1.90 13.89 -8.75
CA SER A 204 -0.72 13.06 -8.81
C SER A 204 0.19 13.44 -7.62
N VAL A 205 1.24 12.64 -7.45
CA VAL A 205 2.27 12.89 -6.38
C VAL A 205 2.87 14.32 -6.52
N TRP A 206 2.87 14.84 -7.75
CA TRP A 206 3.32 16.20 -8.10
C TRP A 206 2.44 17.36 -7.69
N GLU A 207 1.18 17.06 -7.35
CA GLU A 207 0.12 18.05 -7.21
C GLU A 207 -0.40 18.20 -5.80
N THR A 208 0.25 17.52 -4.84
CA THR A 208 -0.21 17.62 -3.46
C THR A 208 0.33 18.80 -2.68
N VAL A 209 -0.24 19.08 -1.53
CA VAL A 209 0.40 19.98 -0.55
C VAL A 209 0.69 19.17 0.74
N THR A 210 1.96 18.95 1.06
CA THR A 210 2.35 18.11 2.15
C THR A 210 2.06 18.83 3.43
N HIS A 211 1.33 18.12 4.33
CA HIS A 211 0.73 18.74 5.51
C HIS A 211 0.85 17.84 6.75
N PRO A 212 0.82 18.39 7.96
CA PRO A 212 0.96 17.55 9.14
C PRO A 212 -0.36 16.84 9.41
N SER A 213 -0.24 15.61 9.88
CA SER A 213 -1.37 14.84 10.40
C SER A 213 -2.03 15.54 11.61
N TRP A 214 -1.23 16.20 12.43
CA TRP A 214 -1.74 17.02 13.55
C TRP A 214 -1.92 18.42 13.08
N GLU A 215 -3.14 18.93 13.03
CA GLU A 215 -3.45 20.24 12.45
C GLU A 215 -3.74 21.21 13.64
N SER A 216 -2.71 21.98 13.97
CA SER A 216 -2.70 22.98 15.06
C SER A 216 -2.83 24.44 14.54
N PHE A 217 -3.04 24.60 13.22
CA PHE A 217 -3.04 25.85 12.48
C PHE A 217 -1.74 26.66 12.63
N LYS A 218 -0.68 26.04 13.06
CA LYS A 218 0.63 26.66 13.08
C LYS A 218 1.20 27.04 11.71
N TRP A 219 1.02 26.20 10.70
CA TRP A 219 1.53 26.41 9.35
C TRP A 219 0.34 26.55 8.47
N GLY A 220 0.46 26.46 7.14
CA GLY A 220 -0.64 26.70 6.24
C GLY A 220 -1.12 28.15 6.38
N GLY A 221 -2.41 28.31 6.28
CA GLY A 221 -3.11 29.58 6.40
C GLY A 221 -3.60 29.77 7.81
N PRO A 222 -4.55 30.71 8.01
CA PRO A 222 -5.10 30.95 9.34
C PRO A 222 -5.76 29.70 9.93
N ASN A 223 -6.27 28.79 9.08
CA ASN A 223 -6.91 27.53 9.53
C ASN A 223 -6.09 26.37 9.02
N GLY A 224 -4.77 26.57 9.07
CA GLY A 224 -3.81 25.51 8.68
C GLY A 224 -4.04 25.14 7.25
N PHE A 225 -3.99 23.84 6.95
CA PHE A 225 -4.11 23.33 5.59
C PHE A 225 -5.58 22.98 5.25
N LEU A 226 -6.47 22.99 6.24
CA LEU A 226 -7.80 22.40 6.05
C LEU A 226 -8.59 22.96 4.87
N PRO A 227 -8.53 24.30 4.65
CA PRO A 227 -9.37 24.82 3.58
C PRO A 227 -8.86 24.52 2.21
N LEU A 228 -7.73 23.86 2.07
CA LEU A 228 -7.38 23.24 0.74
C LEU A 228 -8.25 22.07 0.35
N PHE A 229 -8.82 21.41 1.36
CA PHE A 229 -9.39 20.09 1.14
C PHE A 229 -10.92 20.04 1.36
N THR A 230 -11.42 20.63 2.44
CA THR A 230 -12.85 20.59 2.75
C THR A 230 -13.36 22.02 3.01
N LYS A 231 -14.55 22.35 2.51
CA LYS A 231 -15.14 23.67 2.81
C LYS A 231 -16.13 23.40 3.91
N ASP A 232 -16.12 24.30 4.88
CA ASP A 232 -16.96 24.18 6.05
C ASP A 232 -17.13 25.59 6.62
N ASN A 233 -18.19 25.81 7.37
CA ASN A 233 -18.41 27.12 7.99
C ASN A 233 -17.36 27.41 9.04
N ASN A 234 -17.04 26.37 9.80
CA ASN A 234 -16.07 26.44 10.86
C ASN A 234 -14.96 25.41 10.68
N TYR A 235 -13.75 25.82 11.03
CA TYR A 235 -12.63 24.92 10.96
C TYR A 235 -12.11 24.75 12.37
N SER A 236 -11.90 23.53 12.78
CA SER A 236 -11.29 23.27 14.04
C SER A 236 -9.96 22.60 13.92
N ARG A 237 -9.14 22.92 14.87
CA ARG A 237 -7.96 22.12 15.01
C ARG A 237 -8.30 20.60 15.22
N GLN A 238 -7.46 19.71 14.69
CA GLN A 238 -7.81 18.28 14.62
C GLN A 238 -6.61 17.42 14.29
N TRP A 239 -6.77 16.11 14.42
CA TRP A 239 -5.75 15.12 14.04
C TRP A 239 -6.43 14.12 13.08
N ARG A 240 -5.66 13.57 12.13
CA ARG A 240 -6.19 12.45 11.28
C ARG A 240 -5.12 11.62 10.71
N TYR A 241 -5.43 10.33 10.52
CA TYR A 241 -4.47 9.34 10.05
C TYR A 241 -5.11 8.63 8.87
N THR A 242 -4.28 8.05 7.98
CA THR A 242 -4.75 7.32 6.79
C THR A 242 -3.96 6.03 6.61
N ASN A 243 -4.69 4.94 6.70
CA ASN A 243 -4.12 3.63 6.62
C ASN A 243 -3.88 3.26 5.11
N ALA A 244 -2.83 2.46 4.88
CA ALA A 244 -2.66 1.73 3.59
C ALA A 244 -2.89 0.20 3.86
N PRO A 245 -4.10 -0.28 3.54
CA PRO A 245 -4.48 -1.61 3.95
C PRO A 245 -3.56 -2.71 3.43
N ASP A 246 -2.95 -2.48 2.26
CA ASP A 246 -2.10 -3.49 1.68
C ASP A 246 -0.87 -3.71 2.57
N ALA A 247 -0.39 -2.65 3.25
CA ALA A 247 0.79 -2.72 4.13
C ALA A 247 0.42 -3.40 5.46
N ASP A 248 -0.70 -3.04 6.05
CA ASP A 248 -1.13 -3.76 7.30
C ASP A 248 -1.38 -5.28 7.05
N ALA A 249 -1.98 -5.59 5.89
CA ALA A 249 -2.22 -6.94 5.47
C ALA A 249 -0.92 -7.68 5.28
N ARG A 250 0.07 -7.00 4.70
CA ARG A 250 1.36 -7.59 4.54
C ARG A 250 2.01 -7.90 5.90
N ALA A 251 1.93 -6.96 6.88
CA ALA A 251 2.45 -7.19 8.22
C ALA A 251 1.88 -8.51 8.83
N VAL A 252 0.59 -8.71 8.75
CA VAL A 252 -0.07 -9.90 9.23
C VAL A 252 0.45 -11.15 8.50
N GLN A 253 0.52 -11.11 7.19
CA GLN A 253 1.13 -12.20 6.35
C GLN A 253 2.53 -12.59 6.76
N VAL A 254 3.34 -11.59 7.03
CA VAL A 254 4.69 -11.85 7.56
C VAL A 254 4.69 -12.61 8.89
N MET A 255 3.85 -12.20 9.83
CA MET A 255 3.77 -12.85 11.11
C MET A 255 3.26 -14.29 10.99
N TYR A 256 2.34 -14.57 10.07
CA TYR A 256 1.86 -15.95 9.81
C TYR A 256 3.07 -16.79 9.45
N TRP A 257 3.85 -16.34 8.47
CA TRP A 257 5.08 -17.04 8.09
C TRP A 257 6.08 -17.13 9.18
N ALA A 258 6.35 -16.05 9.93
CA ALA A 258 7.26 -16.08 11.05
C ALA A 258 6.90 -17.16 12.05
N TYR A 259 5.62 -17.27 12.34
CA TYR A 259 5.19 -18.31 13.30
C TYR A 259 5.63 -19.72 12.81
N GLN A 260 5.32 -20.03 11.55
CA GLN A 260 5.66 -21.32 10.96
C GLN A 260 7.18 -21.53 11.05
N TRP A 261 7.94 -20.50 10.69
CA TRP A 261 9.41 -20.63 10.69
C TRP A 261 9.99 -20.88 12.07
N ILE A 262 9.47 -20.20 13.06
CA ILE A 262 9.87 -20.41 14.44
C ILE A 262 9.57 -21.91 14.83
N LYS A 263 8.38 -22.38 14.51
CA LYS A 263 7.96 -23.75 14.87
C LYS A 263 8.87 -24.75 14.12
N GLU A 264 9.18 -24.47 12.86
CA GLU A 264 10.13 -25.29 12.07
C GLU A 264 11.51 -25.44 12.68
N GLN A 265 11.93 -24.50 13.52
CA GLN A 265 13.16 -24.57 14.28
C GLN A 265 13.02 -25.25 15.64
N GLY A 266 11.80 -25.70 15.93
CA GLY A 266 11.51 -26.32 17.22
C GLY A 266 11.52 -25.32 18.34
N LYS A 267 11.28 -24.06 18.00
N LYS A 267 11.23 -24.07 18.00
CA LYS A 267 11.23 -23.00 18.99
CA LYS A 267 11.23 -23.01 18.98
C LYS A 267 9.76 -22.65 19.25
C LYS A 267 9.77 -22.62 19.23
N ASP A 268 9.59 -21.78 20.23
CA ASP A 268 8.27 -21.40 20.73
C ASP A 268 8.02 -19.94 20.40
N PRO A 269 6.98 -19.64 19.62
CA PRO A 269 6.74 -18.22 19.27
C PRO A 269 6.50 -17.35 20.46
N GLU A 270 6.04 -17.89 21.57
CA GLU A 270 5.77 -17.01 22.70
C GLU A 270 7.03 -16.66 23.50
N GLN A 271 8.09 -17.40 23.25
CA GLN A 271 9.41 -17.00 23.74
C GLN A 271 10.22 -16.17 22.74
N GLU A 272 10.06 -16.44 21.45
CA GLU A 272 10.85 -15.77 20.39
C GLU A 272 10.32 -14.42 19.98
N VAL A 273 8.99 -14.29 19.90
CA VAL A 273 8.36 -13.02 19.51
C VAL A 273 7.19 -12.76 20.51
N PRO A 274 7.49 -12.64 21.81
CA PRO A 274 6.38 -12.54 22.81
C PRO A 274 5.44 -11.38 22.49
N GLY A 275 4.15 -11.64 22.48
CA GLY A 275 3.12 -10.66 22.30
C GLY A 275 2.82 -10.30 20.87
N LEU A 276 3.68 -10.67 19.91
CA LEU A 276 3.54 -10.17 18.53
C LEU A 276 2.42 -10.81 17.76
N MET A 277 2.14 -12.08 17.95
N MET A 277 2.14 -12.08 18.00
CA MET A 277 0.98 -12.63 17.24
CA MET A 277 1.00 -12.70 17.32
C MET A 277 -0.31 -11.95 17.71
C MET A 277 -0.32 -12.02 17.73
N ALA A 278 -0.43 -11.71 19.03
CA ALA A 278 -1.61 -11.00 19.54
C ALA A 278 -1.71 -9.57 18.97
N LYS A 279 -0.60 -8.88 18.76
CA LYS A 279 -0.62 -7.52 18.22
C LYS A 279 -0.94 -7.59 16.73
N ALA A 280 -0.39 -8.60 16.05
CA ALA A 280 -0.78 -8.81 14.63
C ALA A 280 -2.27 -9.08 14.44
N ALA A 281 -2.86 -9.92 15.31
CA ALA A 281 -4.25 -10.22 15.20
C ALA A 281 -5.09 -8.91 15.51
N LYS A 282 -4.63 -8.08 16.46
CA LYS A 282 -5.27 -6.77 16.74
C LYS A 282 -5.24 -5.86 15.53
N MET A 283 -4.07 -5.72 14.92
CA MET A 283 -3.97 -4.92 13.69
C MET A 283 -4.92 -5.45 12.62
N GLY A 284 -5.04 -6.78 12.45
CA GLY A 284 -5.99 -7.32 11.42
C GLY A 284 -7.44 -7.18 11.83
N ASP A 285 -7.70 -7.06 13.14
CA ASP A 285 -9.03 -6.71 13.65
C ASP A 285 -9.49 -5.30 13.22
N TYR A 286 -8.64 -4.32 13.41
CA TYR A 286 -8.92 -2.91 12.99
C TYR A 286 -8.86 -2.77 11.46
N LEU A 287 -8.05 -3.59 10.79
CA LEU A 287 -7.91 -3.56 9.34
C LEU A 287 -9.23 -3.82 8.64
N ARG A 288 -10.17 -4.45 9.35
CA ARG A 288 -11.54 -4.56 8.82
C ARG A 288 -12.24 -3.23 8.45
N LEU A 289 -11.82 -2.10 9.01
CA LEU A 289 -12.34 -0.81 8.59
C LEU A 289 -12.16 -0.64 7.07
N ALA A 290 -11.12 -1.27 6.50
CA ALA A 290 -10.85 -1.15 5.01
C ALA A 290 -11.90 -1.86 4.18
N MET A 291 -12.70 -2.73 4.82
CA MET A 291 -13.73 -3.53 4.10
C MET A 291 -15.07 -2.85 3.83
N PHE A 292 -15.21 -1.61 4.20
CA PHE A 292 -16.43 -0.83 4.10
C PHE A 292 -16.33 0.29 3.13
N ASP A 293 -17.47 0.59 2.52
CA ASP A 293 -17.62 1.78 1.72
C ASP A 293 -17.19 3.04 2.54
N LYS A 294 -16.71 4.07 1.84
CA LYS A 294 -16.14 5.28 2.42
C LYS A 294 -17.02 5.88 3.45
N TYR A 295 -18.30 6.03 3.04
CA TYR A 295 -19.32 6.57 3.91
C TYR A 295 -20.38 5.56 4.33
N PHE A 296 -19.96 4.28 4.37
CA PHE A 296 -20.78 3.15 4.84
C PHE A 296 -22.14 3.19 4.07
N LYS A 297 -22.05 3.58 2.81
CA LYS A 297 -23.19 3.44 1.86
C LYS A 297 -23.40 2.05 1.45
N LYS A 298 -24.64 1.72 1.13
CA LYS A 298 -24.90 0.34 0.69
C LYS A 298 -24.17 0.00 -0.63
N MET A 299 -23.75 -1.27 -0.76
CA MET A 299 -23.21 -1.70 -2.00
C MET A 299 -24.27 -1.46 -3.11
N GLY A 300 -23.81 -0.97 -4.23
CA GLY A 300 -24.67 -0.65 -5.35
C GLY A 300 -25.23 0.74 -5.31
N THR A 301 -24.85 1.54 -4.31
CA THR A 301 -25.39 2.92 -4.21
C THR A 301 -25.06 3.75 -5.46
N GLN A 302 -26.10 4.31 -6.08
CA GLN A 302 -25.96 5.18 -7.24
C GLN A 302 -26.71 6.55 -7.09
N ASP A 303 -26.83 6.98 -5.85
CA ASP A 303 -27.27 8.35 -5.57
C ASP A 303 -26.72 8.73 -4.19
N LYS A 304 -26.04 9.83 -4.13
CA LYS A 304 -25.34 10.24 -2.89
C LYS A 304 -26.38 10.43 -1.80
N ASN A 305 -27.62 10.77 -2.21
CA ASN A 305 -28.71 11.03 -1.23
C ASN A 305 -29.32 9.81 -0.63
N ALA A 306 -28.93 8.60 -1.08
CA ALA A 306 -29.51 7.41 -0.55
C ALA A 306 -29.22 7.27 0.95
N GLN A 307 -30.21 6.82 1.71
CA GLN A 307 -29.99 6.38 3.10
C GLN A 307 -28.80 5.35 3.13
N GLY A 308 -27.99 5.44 4.18
CA GLY A 308 -26.75 4.66 4.24
C GLY A 308 -27.05 3.26 4.70
N GLY A 309 -26.03 2.42 4.68
CA GLY A 309 -26.15 1.08 5.18
C GLY A 309 -26.36 0.90 6.65
N LYS A 310 -27.00 -0.19 6.97
CA LYS A 310 -27.01 -0.70 8.33
C LYS A 310 -26.23 -2.02 8.32
N GLY A 311 -25.55 -2.31 9.43
CA GLY A 311 -24.81 -3.57 9.54
C GLY A 311 -23.81 -3.74 8.40
N TYR A 312 -23.76 -4.91 7.78
CA TYR A 312 -22.81 -5.15 6.71
C TYR A 312 -23.31 -4.85 5.31
N GLU A 313 -24.39 -4.10 5.18
CA GLU A 313 -24.88 -3.71 3.85
C GLU A 313 -23.85 -2.89 3.06
N SER A 314 -22.95 -2.28 3.82
CA SER A 314 -21.92 -1.38 3.24
C SER A 314 -20.53 -2.06 3.16
N ALA A 315 -20.45 -3.32 3.54
CA ALA A 315 -19.25 -4.10 3.38
C ALA A 315 -19.04 -4.67 1.99
N HIS A 316 -17.87 -4.35 1.39
CA HIS A 316 -17.37 -5.16 0.25
C HIS A 316 -16.45 -6.31 0.60
N TYR A 317 -15.97 -6.37 1.87
CA TYR A 317 -15.04 -7.39 2.43
C TYR A 317 -13.62 -7.46 1.79
N LEU A 318 -13.28 -6.47 0.98
CA LEU A 318 -11.99 -6.40 0.38
C LEU A 318 -11.09 -5.36 0.99
N MET A 319 -9.83 -5.40 0.60
CA MET A 319 -8.86 -4.35 1.04
C MET A 319 -8.99 -3.16 0.09
N SER A 320 -9.76 -2.19 0.53
CA SER A 320 -9.99 -0.97 -0.23
C SER A 320 -8.72 -0.06 -0.15
N TRP A 321 -8.76 1.07 -0.82
CA TRP A 321 -7.58 1.97 -0.91
C TRP A 321 -7.10 2.57 0.40
N TYR A 322 -8.03 2.82 1.31
CA TYR A 322 -7.68 3.24 2.63
C TYR A 322 -8.81 3.04 3.62
N TYR A 323 -8.43 3.08 4.89
CA TYR A 323 -9.33 3.63 5.87
C TYR A 323 -8.65 4.80 6.55
N ALA A 324 -9.46 5.69 7.14
CA ALA A 324 -8.96 6.87 7.79
C ALA A 324 -9.79 7.19 9.01
N TRP A 325 -9.14 7.81 9.96
CA TRP A 325 -9.77 8.23 11.18
C TRP A 325 -9.20 9.48 11.74
N GLY A 326 -10.03 10.24 12.45
CA GLY A 326 -9.59 11.54 12.90
C GLY A 326 -10.53 12.05 13.99
N GLY A 327 -10.18 13.19 14.55
CA GLY A 327 -10.91 13.79 15.65
C GLY A 327 -10.52 15.24 15.87
N ALA A 328 -11.51 15.99 16.34
CA ALA A 328 -11.35 17.39 16.73
C ALA A 328 -10.41 17.41 17.90
N ALA A 329 -9.57 18.43 17.96
CA ALA A 329 -8.65 18.61 19.04
C ALA A 329 -9.37 18.81 20.36
N ASP A 330 -10.61 19.33 20.36
CA ASP A 330 -11.21 19.67 21.64
C ASP A 330 -12.70 19.65 21.65
N ALA A 331 -13.22 19.70 22.87
CA ALA A 331 -14.66 19.60 23.14
C ALA A 331 -15.53 20.76 22.60
N ASN A 332 -14.96 21.90 22.26
CA ASN A 332 -15.77 22.96 21.63
C ASN A 332 -16.27 22.48 20.27
N ALA A 333 -15.50 21.60 19.59
CA ALA A 333 -15.86 21.01 18.32
C ALA A 333 -16.50 19.65 18.62
N GLY A 334 -15.76 18.75 19.28
CA GLY A 334 -16.38 17.58 19.89
C GLY A 334 -16.81 16.47 18.95
N TRP A 335 -16.17 16.37 17.77
CA TRP A 335 -16.45 15.34 16.76
C TRP A 335 -15.24 14.42 16.52
N ALA A 336 -15.52 13.25 15.94
CA ALA A 336 -14.51 12.40 15.37
C ALA A 336 -15.12 11.66 14.19
N PHE A 337 -14.28 11.16 13.30
CA PHE A 337 -14.74 10.44 12.16
C PHE A 337 -13.94 9.19 11.84
N ARG A 338 -14.57 8.29 11.09
CA ARG A 338 -13.93 7.17 10.43
C ARG A 338 -14.56 7.03 9.06
N ILE A 339 -13.73 6.68 8.10
CA ILE A 339 -14.22 6.36 6.77
C ILE A 339 -13.47 5.12 6.29
N GLY A 340 -14.13 4.30 5.47
CA GLY A 340 -13.50 3.22 4.71
C GLY A 340 -13.11 3.80 3.34
N SER A 341 -13.15 3.00 2.27
CA SER A 341 -12.97 3.50 0.91
C SER A 341 -13.91 2.75 0.01
N SER A 342 -14.37 3.41 -1.03
CA SER A 342 -15.33 2.90 -2.02
C SER A 342 -14.64 2.43 -3.27
N VAL A 344 -11.56 -0.15 -4.84
CA VAL A 344 -10.88 -1.34 -4.48
C VAL A 344 -10.01 -1.75 -5.68
N HIS A 345 -8.69 -1.79 -5.43
CA HIS A 345 -7.74 -2.22 -6.40
C HIS A 345 -7.36 -3.66 -6.16
N PHE A 346 -7.26 -4.45 -7.22
CA PHE A 346 -6.78 -5.83 -7.04
C PHE A 346 -5.39 -5.98 -6.38
N GLY A 347 -4.52 -4.98 -6.60
CA GLY A 347 -3.17 -5.01 -6.10
C GLY A 347 -3.03 -4.98 -4.58
N TYR A 348 -4.11 -4.67 -3.88
CA TYR A 348 -4.11 -4.64 -2.41
C TYR A 348 -4.53 -5.92 -1.83
N GLN A 349 -5.17 -6.84 -2.56
CA GLN A 349 -5.74 -8.02 -1.93
C GLN A 349 -4.67 -9.01 -1.38
N ASN A 350 -5.08 -9.72 -0.34
CA ASN A 350 -4.19 -10.53 0.33
C ASN A 350 -4.87 -11.77 0.93
N PRO A 351 -4.95 -12.84 0.12
CA PRO A 351 -5.53 -14.10 0.67
C PRO A 351 -4.73 -14.71 1.76
N ILE A 352 -3.44 -14.45 1.88
CA ILE A 352 -2.66 -14.97 2.97
C ILE A 352 -3.07 -14.35 4.33
N ALA A 353 -3.19 -13.02 4.34
CA ALA A 353 -3.63 -12.33 5.56
C ALA A 353 -5.06 -12.77 5.94
N ALA A 354 -5.93 -12.88 4.95
CA ALA A 354 -7.29 -13.23 5.25
C ALA A 354 -7.40 -14.66 5.76
N MET A 355 -6.63 -15.57 5.19
N MET A 355 -6.62 -15.54 5.16
CA MET A 355 -6.64 -16.97 5.61
CA MET A 355 -6.53 -16.93 5.56
C MET A 355 -6.06 -17.04 7.03
C MET A 355 -6.05 -17.03 7.00
N ALA A 356 -5.00 -16.27 7.31
CA ALA A 356 -4.36 -16.29 8.66
C ALA A 356 -5.36 -15.79 9.71
N LEU A 357 -6.04 -14.71 9.35
CA LEU A 357 -6.87 -14.01 10.37
C LEU A 357 -8.19 -14.80 10.62
N SER A 358 -8.59 -15.64 9.64
CA SER A 358 -9.80 -16.44 9.77
C SER A 358 -9.57 -17.87 10.22
N GLU A 359 -8.37 -18.43 10.05
CA GLU A 359 -8.17 -19.88 10.20
C GLU A 359 -7.03 -20.29 11.11
N PHE A 360 -6.06 -19.42 11.38
CA PHE A 360 -4.91 -19.74 12.10
C PHE A 360 -5.08 -19.21 13.50
N ASP A 361 -5.34 -20.11 14.45
CA ASP A 361 -5.69 -19.71 15.81
C ASP A 361 -4.83 -18.59 16.44
N PRO A 362 -3.48 -18.72 16.46
CA PRO A 362 -2.66 -17.65 17.02
C PRO A 362 -2.87 -16.22 16.39
N LEU A 363 -3.47 -16.11 15.22
CA LEU A 363 -3.72 -14.79 14.60
C LEU A 363 -5.20 -14.46 14.46
N LYS A 364 -6.11 -15.25 15.04
CA LYS A 364 -7.50 -14.95 14.95
C LYS A 364 -7.85 -13.74 15.83
N PRO A 365 -8.38 -12.69 15.26
CA PRO A 365 -8.74 -11.59 16.21
C PRO A 365 -9.88 -11.95 17.19
N ARG A 366 -9.90 -11.32 18.33
CA ARG A 366 -10.85 -11.67 19.37
C ARG A 366 -12.25 -11.05 19.20
N THR A 367 -12.40 -9.99 18.43
CA THR A 367 -13.72 -9.34 18.39
C THR A 367 -14.67 -10.31 17.70
N PRO A 368 -15.79 -10.58 18.35
CA PRO A 368 -16.82 -11.40 17.65
C PRO A 368 -17.17 -10.81 16.27
N GLY A 369 -17.18 -11.71 15.27
CA GLY A 369 -17.48 -11.38 13.90
C GLY A 369 -16.19 -11.32 13.08
N ALA A 370 -15.07 -11.06 13.72
CA ALA A 370 -13.93 -10.63 12.92
C ALA A 370 -13.41 -11.86 12.11
N THR A 371 -13.44 -13.06 12.68
CA THR A 371 -12.98 -14.27 11.94
C THR A 371 -13.93 -14.52 10.78
N GLU A 372 -15.21 -14.28 11.00
CA GLU A 372 -16.21 -14.44 9.90
C GLU A 372 -16.04 -13.44 8.78
N ASP A 373 -15.75 -12.18 9.08
CA ASP A 373 -15.49 -11.16 8.05
C ASP A 373 -14.27 -11.50 7.26
N TRP A 374 -13.22 -11.96 7.91
CA TRP A 374 -12.02 -12.33 7.16
C TRP A 374 -12.18 -13.61 6.33
N ALA A 375 -12.97 -14.60 6.80
CA ALA A 375 -13.32 -15.76 5.97
C ALA A 375 -14.11 -15.28 4.68
N THR A 376 -15.01 -14.36 4.89
CA THR A 376 -15.81 -13.79 3.77
C THR A 376 -14.90 -13.03 2.86
N GLY A 377 -13.99 -12.28 3.42
CA GLY A 377 -12.90 -11.57 2.67
C GLY A 377 -12.03 -12.52 1.83
N LEU A 378 -11.60 -13.62 2.41
CA LEU A 378 -10.77 -14.59 1.70
C LEU A 378 -11.50 -15.12 0.46
N LYS A 379 -12.72 -15.57 0.66
CA LYS A 379 -13.55 -15.95 -0.52
C LYS A 379 -13.81 -14.85 -1.52
N ARG A 380 -14.23 -13.68 -1.08
CA ARG A 380 -14.54 -12.61 -1.97
C ARG A 380 -13.28 -12.19 -2.70
N SER A 381 -12.14 -12.17 -2.05
CA SER A 381 -10.91 -11.72 -2.77
C SER A 381 -10.57 -12.71 -3.95
N MET A 382 -10.81 -14.04 -3.79
CA MET A 382 -10.50 -15.01 -4.82
C MET A 382 -11.52 -14.87 -5.98
N GLU A 383 -12.75 -14.52 -5.66
CA GLU A 383 -13.74 -14.19 -6.70
C GLU A 383 -13.33 -12.91 -7.45
N PHE A 384 -12.83 -11.93 -6.70
CA PHE A 384 -12.40 -10.65 -7.31
C PHE A 384 -11.25 -10.85 -8.31
N TYR A 385 -10.26 -11.63 -7.94
CA TYR A 385 -9.11 -11.91 -8.89
C TYR A 385 -9.62 -12.62 -10.15
N THR A 386 -10.61 -13.51 -9.94
CA THR A 386 -11.21 -14.29 -11.06
C THR A 386 -12.02 -13.41 -12.03
N TRP A 387 -12.83 -12.54 -11.45
CA TRP A 387 -13.63 -11.63 -12.15
C TRP A 387 -12.78 -10.67 -12.94
N LEU A 388 -11.63 -10.30 -12.39
CA LEU A 388 -10.74 -9.33 -13.11
C LEU A 388 -9.69 -9.93 -14.06
N GLN A 389 -9.59 -11.24 -14.16
CA GLN A 389 -8.58 -11.84 -15.01
C GLN A 389 -8.91 -11.65 -16.48
N SER A 390 -7.99 -10.98 -17.17
CA SER A 390 -8.09 -10.72 -18.62
C SER A 390 -8.04 -12.03 -19.44
N ALA A 391 -8.37 -11.90 -20.74
CA ALA A 391 -8.18 -13.01 -21.70
C ALA A 391 -6.76 -13.50 -21.71
N GLU A 392 -5.82 -12.56 -21.52
CA GLU A 392 -4.40 -12.91 -21.60
C GLU A 392 -3.77 -13.43 -20.34
N GLY A 393 -4.32 -13.07 -19.17
CA GLY A 393 -3.82 -13.64 -17.91
C GLY A 393 -3.61 -12.54 -16.85
N GLY A 394 -3.36 -11.30 -17.28
CA GLY A 394 -3.12 -10.20 -16.34
C GLY A 394 -4.38 -9.89 -15.61
N ILE A 395 -4.26 -9.32 -14.43
CA ILE A 395 -5.41 -8.92 -13.68
C ILE A 395 -5.76 -7.44 -13.86
N ALA A 396 -7.02 -7.16 -14.19
CA ALA A 396 -7.51 -5.83 -14.42
C ALA A 396 -7.64 -5.09 -13.07
N GLY A 397 -7.81 -3.75 -13.10
CA GLY A 397 -7.62 -2.78 -11.94
C GLY A 397 -8.40 -3.06 -10.68
N GLY A 398 -9.71 -3.08 -10.84
CA GLY A 398 -10.58 -3.22 -9.72
C GLY A 398 -11.98 -2.67 -9.93
N ALA A 399 -12.53 -2.00 -8.92
CA ALA A 399 -13.95 -1.71 -8.88
C ALA A 399 -14.20 -0.53 -7.95
N THR A 400 -15.36 0.14 -8.10
CA THR A 400 -15.74 1.22 -7.20
C THR A 400 -17.20 1.11 -6.85
N ASN A 401 -17.53 1.45 -5.60
CA ASN A 401 -18.93 1.58 -5.18
C ASN A 401 -19.40 3.03 -5.31
N SER A 402 -18.48 3.95 -5.67
CA SER A 402 -18.87 5.34 -5.83
C SER A 402 -18.37 5.84 -7.16
N TRP A 403 -19.23 5.78 -8.16
CA TRP A 403 -18.82 6.27 -9.49
C TRP A 403 -18.63 7.79 -9.47
N ASP A 404 -17.48 8.25 -9.99
CA ASP A 404 -17.02 9.65 -9.82
C ASP A 404 -16.80 10.17 -8.36
N GLY A 405 -16.61 9.31 -7.39
CA GLY A 405 -16.56 9.73 -5.97
C GLY A 405 -17.76 10.55 -5.52
N SER A 406 -18.93 10.35 -6.16
CA SER A 406 -20.21 11.03 -5.81
C SER A 406 -21.41 10.10 -5.86
N TYR A 407 -21.14 8.78 -5.87
CA TYR A 407 -22.13 7.73 -5.96
C TYR A 407 -23.01 8.00 -7.19
N LYS A 408 -22.39 8.33 -8.32
CA LYS A 408 -23.16 8.71 -9.51
C LYS A 408 -23.69 7.43 -10.09
N PRO A 409 -24.64 7.52 -11.05
CA PRO A 409 -25.09 6.28 -11.67
C PRO A 409 -23.99 5.59 -12.41
N HIS A 410 -23.99 4.27 -12.38
CA HIS A 410 -23.00 3.51 -13.15
C HIS A 410 -23.18 3.85 -14.62
N PRO A 411 -22.08 4.21 -15.31
CA PRO A 411 -22.20 4.54 -16.76
C PRO A 411 -22.79 3.41 -17.57
N GLN A 412 -23.61 3.73 -18.57
CA GLN A 412 -24.28 2.68 -19.33
C GLN A 412 -23.29 1.75 -20.05
N ASP A 413 -22.14 2.27 -20.46
CA ASP A 413 -21.14 1.44 -21.12
C ASP A 413 -20.43 0.40 -20.23
N ARG A 414 -20.63 0.48 -18.91
CA ARG A 414 -20.09 -0.55 -18.00
C ARG A 414 -21.11 -0.97 -16.96
N ALA A 415 -22.38 -0.68 -17.22
CA ALA A 415 -23.43 -0.91 -16.24
C ALA A 415 -23.58 -2.37 -15.92
N ASP A 416 -23.23 -3.26 -16.84
CA ASP A 416 -23.36 -4.69 -16.61
C ASP A 416 -22.12 -5.24 -15.91
N ALA A 417 -21.04 -4.49 -15.95
CA ALA A 417 -19.77 -5.03 -15.49
C ALA A 417 -19.64 -4.84 -13.97
N THR A 418 -20.34 -5.67 -13.19
CA THR A 418 -20.42 -5.48 -11.72
C THR A 418 -20.04 -6.70 -10.89
N PHE A 419 -19.67 -6.39 -9.65
CA PHE A 419 -19.14 -7.34 -8.70
C PHE A 419 -19.75 -6.94 -7.39
N TYR A 420 -20.78 -7.69 -6.97
CA TYR A 420 -21.49 -7.40 -5.74
C TYR A 420 -21.83 -5.93 -5.52
N GLY A 421 -22.46 -5.34 -6.54
CA GLY A 421 -22.85 -3.92 -6.46
C GLY A 421 -21.85 -2.89 -6.96
N MET A 422 -20.54 -3.22 -6.94
CA MET A 422 -19.53 -2.30 -7.45
C MET A 422 -19.33 -2.39 -8.95
N VAL A 423 -18.90 -1.31 -9.57
N VAL A 423 -18.89 -1.31 -9.58
CA VAL A 423 -18.63 -1.36 -11.01
CA VAL A 423 -18.71 -1.31 -11.04
C VAL A 423 -17.15 -1.42 -11.26
C VAL A 423 -17.22 -1.25 -11.41
N TYR A 424 -16.84 -2.13 -12.33
CA TYR A 424 -15.52 -2.17 -12.87
C TYR A 424 -14.89 -0.81 -13.13
N ASP A 425 -13.65 -0.70 -12.65
CA ASP A 425 -12.85 0.47 -12.84
C ASP A 425 -11.44 0.00 -13.24
N GLU A 426 -11.04 0.40 -14.44
CA GLU A 426 -9.77 0.00 -15.04
C GLU A 426 -8.59 0.66 -14.29
N ASN A 427 -8.84 1.81 -13.66
CA ASN A 427 -7.81 2.55 -12.91
C ASN A 427 -8.37 3.01 -11.60
N PRO A 428 -8.48 2.07 -10.63
CA PRO A 428 -9.16 2.53 -9.42
C PRO A 428 -8.35 3.64 -8.71
N VAL A 429 -9.07 4.53 -8.04
CA VAL A 429 -8.48 5.57 -7.16
C VAL A 429 -7.91 6.74 -8.00
N TYR A 430 -6.56 6.35 -8.74
CA TYR A 430 -5.81 7.55 -9.24
C TYR A 430 -5.83 7.17 -10.73
N HIS A 431 -5.54 8.52 -11.51
CA HIS A 431 -5.45 8.42 -12.99
C HIS A 431 -4.19 9.04 -13.53
N ASP A 432 -3.34 9.61 -12.66
CA ASP A 432 -2.17 10.37 -13.10
C ASP A 432 -0.87 9.88 -12.37
N PRO A 433 -0.28 8.78 -12.86
CA PRO A 433 -0.70 7.99 -14.01
C PRO A 433 -1.82 6.99 -13.61
N GLY A 434 -2.39 6.30 -14.59
CA GLY A 434 -3.41 5.28 -14.27
C GLY A 434 -2.93 4.17 -13.34
N SER A 435 -3.74 3.86 -12.33
CA SER A 435 -3.35 2.85 -11.33
C SER A 435 -3.38 1.44 -11.91
N GLY A 436 -4.12 1.27 -13.02
CA GLY A 436 -4.07 0.02 -13.80
C GLY A 436 -2.84 -0.20 -14.67
N THR A 437 -2.05 0.85 -14.85
CA THR A 437 -1.01 0.77 -15.87
C THR A 437 0.32 0.24 -15.35
N TRP A 438 0.51 0.22 -14.02
CA TRP A 438 1.76 -0.28 -13.41
C TRP A 438 1.76 -1.81 -13.28
N PHE A 439 2.76 -2.46 -13.86
CA PHE A 439 2.90 -3.87 -13.77
C PHE A 439 3.18 -4.34 -12.39
N GLY A 440 3.77 -3.49 -11.54
CA GLY A 440 4.15 -3.94 -10.18
C GLY A 440 3.01 -4.58 -9.36
N TRP A 441 1.81 -4.00 -9.48
CA TRP A 441 0.62 -4.61 -8.79
C TRP A 441 0.41 -6.05 -9.12
N GLN A 442 0.66 -6.41 -10.40
CA GLN A 442 0.57 -7.85 -10.84
C GLN A 442 1.38 -8.72 -9.92
N ALA A 443 2.65 -8.39 -9.79
CA ALA A 443 3.60 -9.14 -9.04
C ALA A 443 3.33 -9.19 -7.53
N TRP A 444 2.99 -8.03 -6.95
CA TRP A 444 2.71 -8.00 -5.53
C TRP A 444 1.49 -8.85 -5.11
N SER A 445 0.42 -8.74 -5.84
CA SER A 445 -0.79 -9.37 -5.46
C SER A 445 -0.79 -10.85 -5.91
N MET A 446 -0.28 -11.11 -7.12
CA MET A 446 -0.17 -12.53 -7.56
C MET A 446 0.81 -13.33 -6.82
N GLN A 447 1.86 -12.72 -6.27
CA GLN A 447 2.66 -13.51 -5.35
C GLN A 447 1.84 -14.10 -4.23
N ARG A 448 0.88 -13.31 -3.80
CA ARG A 448 0.10 -13.76 -2.67
C ARG A 448 -0.87 -14.92 -3.01
N VAL A 449 -1.41 -14.91 -4.22
CA VAL A 449 -2.18 -16.02 -4.76
C VAL A 449 -1.31 -17.25 -4.89
N ALA A 450 -0.06 -17.05 -5.29
CA ALA A 450 0.85 -18.13 -5.54
C ALA A 450 1.15 -18.77 -4.18
N GLU A 451 1.39 -17.95 -3.15
CA GLU A 451 1.55 -18.47 -1.79
C GLU A 451 0.36 -19.30 -1.29
N TYR A 452 -0.82 -18.84 -1.57
CA TYR A 452 -2.04 -19.52 -1.20
C TYR A 452 -2.16 -20.87 -1.94
N TYR A 453 -1.85 -20.89 -3.24
CA TYR A 453 -1.76 -22.13 -4.00
C TYR A 453 -0.79 -23.10 -3.33
N TYR A 454 0.40 -22.63 -2.99
CA TYR A 454 1.37 -23.36 -2.27
C TYR A 454 0.91 -23.89 -0.87
N LEU A 455 0.29 -23.01 -0.09
CA LEU A 455 -0.11 -23.42 1.23
C LEU A 455 -1.25 -24.43 1.28
N LYS A 456 -2.27 -24.18 0.48
CA LYS A 456 -3.54 -24.90 0.55
C LYS A 456 -3.76 -25.80 -0.67
N GLY A 457 -2.95 -25.73 -1.74
CA GLY A 457 -3.33 -26.49 -2.93
C GLY A 457 -4.66 -26.04 -3.46
N ASP A 458 -5.01 -24.79 -3.25
CA ASP A 458 -6.29 -24.27 -3.70
C ASP A 458 -6.53 -24.26 -5.22
N ALA A 459 -7.65 -24.83 -5.67
CA ALA A 459 -7.95 -24.90 -7.09
C ALA A 459 -8.17 -23.57 -7.80
N GLN A 460 -8.84 -22.62 -7.13
N GLN A 460 -8.80 -22.61 -7.14
CA GLN A 460 -9.04 -21.29 -7.73
CA GLN A 460 -9.00 -21.31 -7.80
C GLN A 460 -7.69 -20.59 -7.91
C GLN A 460 -7.69 -20.55 -7.91
N ALA A 461 -6.86 -20.60 -6.87
CA ALA A 461 -5.51 -20.03 -6.95
C ALA A 461 -4.72 -20.71 -8.10
N LYS A 462 -4.79 -22.02 -8.19
CA LYS A 462 -4.07 -22.72 -9.27
C LYS A 462 -4.50 -22.21 -10.62
N GLN A 463 -5.79 -22.10 -10.84
CA GLN A 463 -6.30 -21.72 -12.13
C GLN A 463 -5.88 -20.31 -12.52
N LEU A 464 -5.93 -19.41 -11.54
CA LEU A 464 -5.43 -18.06 -11.71
C LEU A 464 -3.96 -18.03 -12.13
N MET A 465 -3.13 -18.78 -11.44
CA MET A 465 -1.72 -18.72 -11.62
C MET A 465 -1.39 -19.46 -12.93
N ASP A 466 -2.10 -20.55 -13.21
CA ASP A 466 -1.94 -21.20 -14.55
C ASP A 466 -2.11 -20.30 -15.77
N LYS A 467 -2.86 -19.23 -15.61
CA LYS A 467 -3.08 -18.27 -16.64
C LYS A 467 -2.22 -17.01 -16.55
N TRP A 468 -1.87 -16.66 -15.31
CA TRP A 468 -1.11 -15.46 -15.04
C TRP A 468 0.36 -15.69 -15.22
N ALA A 469 0.88 -16.83 -14.75
CA ALA A 469 2.32 -17.12 -14.82
C ALA A 469 2.84 -17.14 -16.29
N PRO A 470 2.11 -17.82 -17.18
CA PRO A 470 2.66 -17.78 -18.55
C PRO A 470 2.45 -16.46 -19.26
N TRP A 471 1.51 -15.62 -18.85
CA TRP A 471 1.43 -14.33 -19.42
C TRP A 471 2.67 -13.52 -19.04
N VAL A 472 3.09 -13.64 -17.76
CA VAL A 472 4.30 -12.95 -17.35
C VAL A 472 5.53 -13.46 -18.11
N LEU A 473 5.73 -14.77 -18.04
CA LEU A 473 6.87 -15.46 -18.71
C LEU A 473 6.98 -15.04 -20.17
N SER A 474 5.85 -14.99 -20.88
CA SER A 474 5.82 -14.61 -22.30
C SER A 474 6.20 -13.16 -22.58
N ASN A 475 6.18 -12.31 -21.56
CA ASN A 475 6.43 -10.92 -21.71
C ASN A 475 7.75 -10.49 -21.04
N ILE A 476 8.57 -11.41 -20.60
CA ILE A 476 9.89 -11.08 -20.13
C ILE A 476 10.80 -11.15 -21.35
N ASN A 477 11.68 -10.15 -21.54
CA ASN A 477 12.77 -10.25 -22.62
C ASN A 477 14.08 -10.53 -22.03
N TRP A 478 14.70 -11.61 -22.49
CA TRP A 478 15.98 -11.96 -22.04
C TRP A 478 16.92 -11.21 -22.96
N LEU A 479 17.90 -10.50 -22.38
CA LEU A 479 18.82 -9.67 -23.18
C LEU A 479 20.18 -10.38 -23.43
N GLU A 480 20.83 -9.91 -24.49
CA GLU A 480 22.07 -10.51 -25.04
C GLU A 480 23.14 -10.79 -24.04
N ASP A 481 23.40 -9.80 -23.20
CA ASP A 481 24.37 -9.87 -22.12
C ASP A 481 24.00 -10.76 -20.93
N GLY A 482 22.89 -11.48 -20.97
CA GLY A 482 22.44 -12.29 -19.81
C GLY A 482 21.44 -11.58 -18.86
N SER A 483 21.21 -10.30 -19.12
N SER A 483 21.25 -10.28 -19.09
CA SER A 483 20.31 -9.52 -18.30
CA SER A 483 20.31 -9.50 -18.28
C SER A 483 18.89 -9.77 -18.82
C SER A 483 18.93 -9.63 -18.92
N PHE A 484 17.94 -8.97 -18.34
CA PHE A 484 16.51 -9.10 -18.75
C PHE A 484 15.81 -7.76 -18.65
N GLU A 485 14.61 -7.68 -19.22
CA GLU A 485 13.70 -6.61 -18.97
C GLU A 485 12.33 -7.25 -18.69
N ILE A 486 11.70 -6.80 -17.64
CA ILE A 486 10.37 -7.26 -17.33
C ILE A 486 9.26 -6.31 -17.75
N PRO A 487 8.03 -6.81 -17.77
CA PRO A 487 7.03 -5.86 -18.15
C PRO A 487 6.97 -4.64 -17.17
N ALA A 488 6.73 -3.44 -17.65
CA ALA A 488 6.66 -2.27 -16.75
C ALA A 488 5.34 -1.56 -16.76
N THR A 489 4.82 -1.36 -17.97
CA THR A 489 3.64 -0.55 -18.17
C THR A 489 2.65 -1.37 -18.98
N LEU A 490 1.37 -1.23 -18.58
CA LEU A 490 0.24 -1.91 -19.20
C LEU A 490 -0.81 -0.99 -19.75
N GLU A 491 -1.46 -1.46 -20.79
CA GLU A 491 -2.58 -0.80 -21.39
C GLU A 491 -3.78 -1.75 -21.41
N TRP A 492 -4.93 -1.29 -21.00
CA TRP A 492 -6.14 -2.12 -20.88
C TRP A 492 -7.19 -1.67 -21.83
N THR A 493 -7.97 -2.59 -22.39
CA THR A 493 -9.20 -2.24 -23.12
C THR A 493 -10.30 -3.24 -22.70
N GLY A 494 -11.54 -2.78 -22.72
CA GLY A 494 -12.64 -3.70 -22.46
C GLY A 494 -13.08 -3.73 -21.02
N LYS A 495 -13.90 -4.72 -20.70
CA LYS A 495 -14.51 -4.90 -19.38
C LYS A 495 -14.69 -6.34 -19.10
N PRO A 496 -14.67 -6.71 -17.81
CA PRO A 496 -14.96 -8.08 -17.46
C PRO A 496 -16.49 -8.28 -17.73
N GLU A 497 -16.91 -9.51 -17.85
CA GLU A 497 -18.33 -9.92 -17.81
C GLU A 497 -18.87 -9.66 -16.41
N LYS A 498 -20.18 -9.49 -16.34
CA LYS A 498 -20.89 -9.44 -15.06
C LYS A 498 -20.44 -10.63 -14.20
N TRP A 499 -19.99 -10.39 -12.96
CA TRP A 499 -19.60 -11.48 -12.08
C TRP A 499 -20.81 -12.34 -11.67
N ASP A 500 -20.61 -13.64 -11.77
CA ASP A 500 -21.57 -14.68 -11.36
C ASP A 500 -20.84 -15.83 -10.72
N PRO A 501 -20.81 -15.84 -9.37
CA PRO A 501 -19.98 -16.80 -8.64
C PRO A 501 -20.40 -18.23 -8.93
N ALA A 502 -21.71 -18.43 -9.18
CA ALA A 502 -22.28 -19.76 -9.47
C ALA A 502 -21.89 -20.25 -10.87
N ASN A 503 -21.78 -19.34 -11.83
CA ASN A 503 -21.47 -19.72 -13.19
C ASN A 503 -20.47 -18.72 -13.88
N PRO A 504 -19.23 -18.68 -13.41
CA PRO A 504 -18.39 -17.54 -13.89
C PRO A 504 -18.16 -17.54 -15.40
N LYS A 505 -18.22 -16.39 -16.05
CA LYS A 505 -18.00 -16.31 -17.50
C LYS A 505 -16.50 -16.02 -17.81
N ALA A 506 -16.03 -16.54 -18.94
CA ALA A 506 -14.78 -16.14 -19.52
C ALA A 506 -14.80 -14.64 -19.92
N ASN A 507 -13.78 -13.90 -19.53
CA ASN A 507 -13.70 -12.49 -19.82
C ASN A 507 -13.01 -12.28 -21.14
N THR A 508 -13.68 -12.70 -22.20
CA THR A 508 -13.10 -12.70 -23.52
C THR A 508 -12.98 -11.35 -24.10
N ASN A 509 -13.64 -10.34 -23.53
CA ASN A 509 -13.52 -8.96 -24.01
C ASN A 509 -12.75 -8.01 -23.03
N LEU A 510 -11.98 -8.57 -22.13
CA LEU A 510 -11.07 -7.80 -21.28
C LEU A 510 -9.65 -8.18 -21.72
N HIS A 511 -8.88 -7.18 -22.15
CA HIS A 511 -7.55 -7.35 -22.77
C HIS A 511 -6.56 -6.42 -22.13
N VAL A 512 -5.34 -6.92 -22.07
CA VAL A 512 -4.18 -6.21 -21.59
C VAL A 512 -3.07 -6.42 -22.59
N SER A 513 -2.33 -5.35 -22.84
CA SER A 513 -1.01 -5.35 -23.54
C SER A 513 0.08 -4.79 -22.69
N VAL A 514 1.27 -5.34 -22.88
CA VAL A 514 2.46 -4.80 -22.23
C VAL A 514 3.02 -3.80 -23.21
N VAL A 515 2.98 -2.53 -22.85
CA VAL A 515 3.50 -1.52 -23.77
C VAL A 515 4.88 -0.95 -23.47
N ASP A 516 5.44 -1.24 -22.28
CA ASP A 516 6.81 -0.84 -21.93
C ASP A 516 7.43 -1.91 -21.06
N HIS A 517 8.76 -2.08 -21.17
CA HIS A 517 9.58 -2.93 -20.31
C HIS A 517 10.64 -2.18 -19.52
N GLY A 518 11.09 -2.75 -18.43
CA GLY A 518 12.13 -2.12 -17.65
C GLY A 518 12.94 -3.10 -16.82
N GLN A 519 13.79 -2.55 -15.94
CA GLN A 519 14.64 -3.38 -15.08
C GLN A 519 14.37 -3.00 -13.60
N ASP A 520 13.10 -2.97 -13.25
CA ASP A 520 12.68 -2.68 -11.88
C ASP A 520 12.97 -3.94 -11.03
N LEU A 521 14.05 -3.92 -10.27
CA LEU A 521 14.53 -5.12 -9.62
C LEU A 521 13.65 -5.51 -8.45
N GLY A 522 12.99 -4.54 -7.82
CA GLY A 522 12.01 -4.85 -6.75
C GLY A 522 10.86 -5.69 -7.31
N ILE A 523 10.37 -5.28 -8.47
CA ILE A 523 9.29 -5.97 -9.16
C ILE A 523 9.85 -7.28 -9.74
N ALA A 524 11.09 -7.28 -10.23
CA ALA A 524 11.65 -8.51 -10.75
C ALA A 524 11.73 -9.57 -9.65
N ALA A 525 12.17 -9.19 -8.46
CA ALA A 525 12.20 -10.09 -7.32
C ALA A 525 10.81 -10.63 -6.95
N GLY A 526 9.79 -9.77 -6.95
CA GLY A 526 8.40 -10.16 -6.67
C GLY A 526 7.87 -11.11 -7.71
N VAL A 527 8.20 -10.85 -8.98
CA VAL A 527 7.95 -11.92 -10.03
C VAL A 527 8.67 -13.24 -9.76
N ALA A 528 9.96 -13.23 -9.44
CA ALA A 528 10.68 -14.39 -9.07
C ALA A 528 9.92 -15.12 -7.96
N LYS A 529 9.40 -14.37 -6.97
CA LYS A 529 8.79 -15.09 -5.83
C LYS A 529 7.47 -15.71 -6.20
N ALA A 530 6.73 -15.01 -7.03
CA ALA A 530 5.45 -15.53 -7.48
C ALA A 530 5.68 -16.77 -8.29
N LEU A 531 6.72 -16.72 -9.12
CA LEU A 531 7.03 -17.89 -9.95
C LEU A 531 7.51 -19.09 -9.12
N MET A 532 8.34 -18.88 -8.09
CA MET A 532 8.84 -19.97 -7.30
C MET A 532 7.80 -20.67 -6.44
N PHE A 533 6.90 -19.89 -5.87
CA PHE A 533 5.80 -20.45 -5.12
C PHE A 533 4.88 -21.21 -6.09
N TYR A 534 4.63 -20.67 -7.31
CA TYR A 534 3.80 -21.35 -8.26
C TYR A 534 4.41 -22.72 -8.67
N ALA A 535 5.71 -22.72 -8.90
CA ALA A 535 6.41 -23.95 -9.29
C ALA A 535 6.41 -24.92 -8.12
N ALA A 536 6.67 -24.43 -6.90
CA ALA A 536 6.68 -25.30 -5.73
C ALA A 536 5.30 -25.99 -5.51
N ALA A 537 4.24 -25.16 -5.62
CA ALA A 537 2.84 -25.56 -5.45
C ALA A 537 2.52 -26.67 -6.51
N ALA A 538 2.87 -26.38 -7.77
CA ALA A 538 2.61 -27.32 -8.87
C ALA A 538 3.27 -28.71 -8.65
N GLU A 539 4.50 -28.73 -8.21
CA GLU A 539 5.19 -29.96 -7.92
C GLU A 539 4.48 -30.67 -6.76
N LYS A 540 4.00 -29.93 -5.76
CA LYS A 540 3.35 -30.61 -4.64
C LYS A 540 2.00 -31.19 -4.92
N TYR A 541 1.22 -30.54 -5.80
CA TYR A 541 -0.20 -30.75 -5.97
C TYR A 541 -0.72 -31.13 -7.36
N ASP A 542 0.10 -30.93 -8.38
N ASP A 542 0.10 -30.90 -8.39
CA ASP A 542 -0.39 -31.09 -9.76
CA ASP A 542 -0.33 -31.10 -9.78
C ASP A 542 0.80 -31.58 -10.61
C ASP A 542 0.82 -31.60 -10.61
N THR A 543 1.00 -31.05 -11.81
CA THR A 543 2.18 -31.39 -12.61
C THR A 543 3.28 -30.28 -12.51
N PRO A 544 4.57 -30.67 -12.49
CA PRO A 544 5.60 -29.67 -12.29
C PRO A 544 5.58 -28.62 -13.39
N GLN A 545 6.09 -27.45 -13.01
CA GLN A 545 6.07 -26.32 -13.90
C GLN A 545 7.48 -25.83 -13.92
N ASN A 546 8.32 -26.60 -14.60
CA ASN A 546 9.72 -26.31 -14.57
C ASN A 546 10.09 -24.95 -15.20
N GLU A 547 9.40 -24.46 -16.22
CA GLU A 547 9.77 -23.17 -16.82
C GLU A 547 9.64 -22.06 -15.76
N ALA A 548 8.61 -22.14 -14.93
CA ALA A 548 8.36 -21.11 -13.87
C ALA A 548 9.57 -21.13 -12.91
N LYS A 549 9.96 -22.33 -12.48
CA LYS A 549 11.05 -22.50 -11.55
C LYS A 549 12.39 -22.00 -12.11
N GLU A 550 12.66 -22.36 -13.35
CA GLU A 550 13.86 -21.93 -14.01
C GLU A 550 13.86 -20.44 -14.27
N ALA A 551 12.72 -19.87 -14.66
CA ALA A 551 12.65 -18.42 -14.87
C ALA A 551 12.91 -17.67 -13.57
N SER A 552 12.38 -18.19 -12.44
CA SER A 552 12.65 -17.60 -11.12
C SER A 552 14.13 -17.51 -10.81
N LYS A 553 14.77 -18.63 -10.99
CA LYS A 553 16.17 -18.79 -10.75
C LYS A 553 17.01 -17.91 -11.68
N LYS A 554 16.63 -17.82 -12.92
CA LYS A 554 17.35 -16.97 -13.88
C LYS A 554 17.28 -15.51 -13.55
N LEU A 555 16.08 -15.03 -13.23
CA LEU A 555 15.94 -13.69 -12.76
C LEU A 555 16.87 -13.41 -11.60
N LEU A 556 16.84 -14.26 -10.57
CA LEU A 556 17.66 -14.08 -9.40
C LEU A 556 19.16 -14.13 -9.70
N ASP A 557 19.54 -15.03 -10.55
CA ASP A 557 20.94 -15.10 -10.94
C ASP A 557 21.37 -13.94 -11.81
N ALA A 558 20.50 -13.49 -12.73
CA ALA A 558 20.84 -12.35 -13.63
C ALA A 558 20.96 -11.06 -12.77
N MET A 559 20.09 -10.90 -11.76
CA MET A 559 20.21 -9.73 -10.87
C MET A 559 21.56 -9.77 -10.14
N TRP A 560 21.92 -10.93 -9.62
CA TRP A 560 23.18 -11.05 -8.87
C TRP A 560 24.43 -10.75 -9.70
N THR A 561 24.42 -11.20 -10.93
CA THR A 561 25.61 -11.06 -11.74
C THR A 561 25.61 -9.79 -12.61
N HIS A 562 24.52 -9.02 -12.70
CA HIS A 562 24.53 -7.79 -13.50
C HIS A 562 24.31 -6.51 -12.72
N PHE A 563 23.81 -6.56 -11.50
CA PHE A 563 23.31 -5.30 -10.86
C PHE A 563 23.78 -5.08 -9.47
N LYS A 564 24.92 -5.69 -9.12
CA LYS A 564 25.51 -5.36 -7.88
C LYS A 564 25.97 -3.90 -7.76
N THR A 565 25.68 -3.31 -6.60
CA THR A 565 26.16 -1.99 -6.20
C THR A 565 26.75 -2.04 -4.80
N PRO A 566 27.39 -0.92 -4.33
CA PRO A 566 27.91 -0.97 -2.97
C PRO A 566 26.79 -1.14 -1.93
N LYS A 567 25.56 -0.76 -2.30
CA LYS A 567 24.44 -0.81 -1.34
C LYS A 567 23.44 -1.95 -1.45
N GLY A 568 23.44 -2.69 -2.58
CA GLY A 568 22.54 -3.80 -2.74
C GLY A 568 22.53 -4.22 -4.22
N LEU A 569 21.36 -4.19 -4.86
CA LEU A 569 21.18 -4.58 -6.29
C LEU A 569 20.26 -3.59 -6.92
N ALA A 570 20.77 -2.85 -7.90
CA ALA A 570 20.01 -1.76 -8.51
C ALA A 570 20.40 -1.55 -9.92
N ALA A 571 19.41 -1.14 -10.70
CA ALA A 571 19.56 -0.83 -12.09
C ALA A 571 19.22 0.62 -12.33
N PRO A 572 19.93 1.25 -13.28
CA PRO A 572 19.57 2.64 -13.59
C PRO A 572 18.16 2.79 -14.16
N GLU A 573 17.57 3.95 -13.88
CA GLU A 573 16.24 4.21 -14.37
C GLU A 573 16.12 5.64 -14.80
N LYS A 574 15.46 5.83 -15.91
CA LYS A 574 15.26 7.15 -16.49
C LYS A 574 14.01 7.74 -15.84
N ARG A 575 14.13 8.97 -15.39
CA ARG A 575 13.02 9.70 -14.75
C ARG A 575 12.74 11.03 -15.45
N GLY A 576 12.18 10.90 -16.65
CA GLY A 576 11.75 12.09 -17.41
C GLY A 576 10.58 12.81 -16.75
N ASP A 577 9.86 12.04 -15.93
CA ASP A 577 8.79 12.59 -15.11
C ASP A 577 9.23 13.68 -14.16
N TYR A 578 10.53 13.74 -13.80
CA TYR A 578 11.03 14.79 -12.97
C TYR A 578 10.98 16.25 -13.59
N ALA A 579 10.61 16.38 -14.87
CA ALA A 579 10.27 17.69 -15.44
C ALA A 579 9.13 18.34 -14.63
N ARG A 580 8.31 17.48 -14.02
CA ARG A 580 7.20 17.94 -13.20
C ARG A 580 7.53 18.62 -11.86
N PHE A 581 8.80 18.57 -11.43
CA PHE A 581 9.28 19.40 -10.34
C PHE A 581 8.86 20.86 -10.51
N PHE A 582 8.80 21.30 -11.78
CA PHE A 582 8.57 22.71 -12.13
C PHE A 582 7.13 22.99 -12.48
N ASP A 583 6.26 21.97 -12.47
CA ASP A 583 4.81 22.16 -12.75
C ASP A 583 4.11 23.05 -11.68
N LYS A 584 3.19 23.89 -12.13
CA LYS A 584 2.34 24.62 -11.19
C LYS A 584 1.39 23.62 -10.53
N VAL A 585 1.00 23.96 -9.33
CA VAL A 585 0.10 23.16 -8.56
C VAL A 585 -1.15 23.99 -8.24
N TYR A 586 -2.32 23.39 -8.37
CA TYR A 586 -3.59 24.07 -7.96
C TYR A 586 -3.61 24.42 -6.49
N VAL A 587 -3.78 25.71 -6.23
CA VAL A 587 -4.08 26.21 -4.90
C VAL A 587 -5.19 27.25 -5.11
N PRO A 588 -6.25 27.16 -4.30
CA PRO A 588 -7.28 28.22 -4.43
C PRO A 588 -6.80 29.67 -4.22
N GLY A 589 -7.37 30.55 -5.03
CA GLY A 589 -7.22 31.98 -4.90
C GLY A 589 -7.43 32.51 -3.51
N GLU A 590 -8.39 31.97 -2.77
N GLU A 590 -8.40 31.92 -2.81
CA GLU A 590 -8.60 32.47 -1.38
CA GLU A 590 -8.71 32.32 -1.43
C GLU A 590 -7.55 31.97 -0.39
C GLU A 590 -7.80 31.74 -0.37
N PHE A 591 -6.82 30.92 -0.77
CA PHE A 591 -5.87 30.29 0.18
C PHE A 591 -4.47 30.91 0.14
N ASN A 592 -4.03 31.37 1.29
CA ASN A 592 -2.70 31.91 1.52
C ASN A 592 -2.05 31.21 2.66
N GLY A 593 -0.92 30.56 2.42
CA GLY A 593 -0.35 29.70 3.42
C GLY A 593 1.15 29.66 3.34
N SER A 594 1.79 29.16 4.39
CA SER A 594 3.22 28.88 4.35
C SER A 594 3.52 27.45 4.75
N MET A 595 4.52 26.87 4.11
CA MET A 595 5.19 25.67 4.61
C MET A 595 6.05 26.01 5.80
N ALA A 596 6.50 25.01 6.55
CA ALA A 596 7.27 25.26 7.76
C ALA A 596 8.60 26.01 7.57
N ASN A 597 9.28 25.77 6.45
CA ASN A 597 10.46 26.55 6.10
C ASN A 597 10.19 27.92 5.51
N GLY A 598 8.92 28.32 5.42
CA GLY A 598 8.52 29.61 4.97
C GLY A 598 8.21 29.59 3.51
N ASP A 599 8.32 28.44 2.81
CA ASP A 599 7.91 28.42 1.41
C ASP A 599 6.46 28.80 1.37
N ALA A 600 6.06 29.44 0.27
CA ALA A 600 4.69 29.93 0.07
C ALA A 600 3.77 28.91 -0.54
N ILE A 601 2.53 28.93 -0.07
CA ILE A 601 1.45 28.14 -0.65
C ILE A 601 0.44 29.13 -1.22
N ASN A 602 0.41 29.19 -2.54
CA ASN A 602 -0.47 30.18 -3.20
C ASN A 602 -0.69 29.80 -4.59
N SER A 603 -1.29 30.68 -5.39
CA SER A 603 -1.76 30.24 -6.68
C SER A 603 -0.64 30.13 -7.71
N GLU A 604 0.53 30.66 -7.41
CA GLU A 604 1.72 30.45 -8.23
C GLU A 604 2.70 29.35 -7.71
N SER A 605 2.29 28.58 -6.71
CA SER A 605 3.13 27.47 -6.23
C SER A 605 3.38 26.41 -7.28
N THR A 606 4.55 25.79 -7.16
CA THR A 606 4.96 24.61 -7.98
C THR A 606 5.38 23.50 -6.99
N PHE A 607 5.56 22.29 -7.50
CA PHE A 607 5.97 21.19 -6.62
C PHE A 607 7.28 21.64 -5.90
N LEU A 608 8.24 22.17 -6.64
CA LEU A 608 9.55 22.54 -6.06
C LEU A 608 9.44 23.76 -5.16
N SER A 609 8.66 24.76 -5.57
CA SER A 609 8.64 25.98 -4.72
C SER A 609 8.04 25.77 -3.33
N MET A 610 7.20 24.74 -3.15
CA MET A 610 6.71 24.37 -1.81
C MET A 610 7.63 23.35 -1.10
N ARG A 611 8.74 22.96 -1.75
CA ARG A 611 9.69 21.97 -1.27
C ARG A 611 11.10 22.45 -1.61
N SER A 612 11.43 23.68 -1.20
CA SER A 612 12.67 24.34 -1.69
C SER A 612 13.91 23.80 -0.99
N PHE A 613 13.76 23.03 0.07
CA PHE A 613 14.86 22.18 0.53
C PHE A 613 15.50 21.38 -0.58
N TYR A 614 14.71 21.05 -1.63
CA TYR A 614 15.32 20.25 -2.68
C TYR A 614 16.40 21.01 -3.44
N LEU A 615 16.37 22.34 -3.31
CA LEU A 615 17.42 23.13 -3.96
C LEU A 615 18.81 22.85 -3.36
N ASP A 616 18.90 22.36 -2.15
CA ASP A 616 20.16 22.01 -1.49
C ASP A 616 20.56 20.52 -1.67
N ASP A 617 19.75 19.74 -2.36
CA ASP A 617 20.01 18.31 -2.59
C ASP A 617 21.00 18.16 -3.78
N PRO A 618 22.10 17.48 -3.62
CA PRO A 618 23.05 17.24 -4.76
C PRO A 618 22.42 16.65 -5.99
N MET A 619 21.41 15.80 -5.80
N MET A 619 21.42 15.80 -5.78
CA MET A 619 20.76 15.20 -6.98
CA MET A 619 20.77 15.16 -6.92
C MET A 619 19.90 16.21 -7.73
C MET A 619 19.87 16.17 -7.70
N PHE A 620 19.46 17.28 -7.07
CA PHE A 620 18.64 18.23 -7.75
C PHE A 620 19.43 18.88 -8.93
N LYS A 621 20.66 19.26 -8.69
CA LYS A 621 21.48 19.88 -9.74
C LYS A 621 21.56 18.97 -10.92
N GLN A 622 21.62 17.67 -10.65
CA GLN A 622 21.67 16.66 -11.72
C GLN A 622 20.38 16.61 -12.54
N VAL A 623 19.20 16.73 -11.89
CA VAL A 623 17.90 16.85 -12.56
C VAL A 623 17.90 18.10 -13.48
N GLU A 624 18.27 19.25 -12.91
CA GLU A 624 18.24 20.54 -13.62
C GLU A 624 19.19 20.44 -14.82
N ASP A 625 20.38 19.89 -14.58
CA ASP A 625 21.37 19.83 -15.65
C ASP A 625 20.83 18.93 -16.74
N ALA A 626 20.27 17.77 -16.36
CA ALA A 626 19.75 16.85 -17.37
C ALA A 626 18.64 17.50 -18.18
N LEU A 627 17.62 18.04 -17.49
CA LEU A 627 16.48 18.67 -18.17
C LEU A 627 16.99 19.88 -18.98
N ASN A 628 17.93 20.65 -18.45
CA ASN A 628 18.54 21.74 -19.25
C ASN A 628 19.27 21.27 -20.53
N SER A 629 19.72 20.02 -20.56
CA SER A 629 20.35 19.44 -21.76
C SER A 629 19.40 18.74 -22.67
N GLY A 630 18.11 18.85 -22.39
CA GLY A 630 17.12 18.12 -23.14
C GLY A 630 17.11 16.61 -22.90
N GLU A 631 17.63 16.17 -21.75
CA GLU A 631 17.79 14.75 -21.45
C GLU A 631 16.97 14.39 -20.19
N ASP A 632 16.59 13.12 -20.07
CA ASP A 632 15.97 12.61 -18.82
C ASP A 632 17.01 12.36 -17.77
N PRO A 633 16.75 12.73 -16.51
CA PRO A 633 17.72 12.35 -15.51
C PRO A 633 17.74 10.83 -15.30
N VAL A 634 18.86 10.30 -14.89
CA VAL A 634 18.99 8.88 -14.63
C VAL A 634 19.49 8.64 -13.21
N PHE A 635 18.81 7.79 -12.45
CA PHE A 635 19.23 7.51 -11.06
C PHE A 635 19.35 6.00 -10.84
N THR A 636 20.16 5.64 -9.87
CA THR A 636 20.17 4.29 -9.45
C THR A 636 19.75 4.19 -7.99
N TYR A 637 18.52 3.70 -7.76
CA TYR A 637 17.87 3.78 -6.46
C TYR A 637 17.95 2.51 -5.68
N HIS A 638 18.08 2.65 -4.36
CA HIS A 638 18.04 1.57 -3.41
C HIS A 638 16.82 1.79 -2.50
N ARG A 639 15.63 1.38 -3.00
CA ARG A 639 14.39 1.45 -2.27
C ARG A 639 14.33 0.35 -1.24
N PHE A 640 14.06 0.68 0.00
CA PHE A 640 13.99 -0.34 1.08
C PHE A 640 13.15 -1.56 0.69
N TRP A 641 11.96 -1.35 0.18
CA TRP A 641 11.09 -2.50 -0.14
C TRP A 641 11.72 -3.43 -1.23
N ALA A 642 12.38 -2.79 -2.19
CA ALA A 642 12.95 -3.53 -3.30
C ALA A 642 14.14 -4.34 -2.84
N GLN A 643 15.03 -3.68 -2.05
CA GLN A 643 16.26 -4.34 -1.61
C GLN A 643 15.85 -5.46 -0.70
N THR A 644 14.83 -5.22 0.10
CA THR A 644 14.27 -6.34 0.91
C THR A 644 13.65 -7.47 0.07
N GLU A 645 12.83 -7.14 -0.88
CA GLU A 645 12.28 -8.12 -1.79
C GLU A 645 13.35 -8.95 -2.50
N ALA A 646 14.36 -8.26 -3.03
CA ALA A 646 15.47 -8.96 -3.72
C ALA A 646 16.24 -9.86 -2.69
N ALA A 647 16.64 -9.31 -1.56
CA ALA A 647 17.41 -10.06 -0.57
C ALA A 647 16.62 -11.34 -0.18
N THR A 648 15.35 -11.12 0.19
CA THR A 648 14.56 -12.23 0.67
C THR A 648 14.22 -13.27 -0.44
N ALA A 649 14.22 -12.86 -1.68
CA ALA A 649 13.86 -13.78 -2.78
C ALA A 649 14.89 -14.91 -2.85
N TYR A 650 16.17 -14.62 -2.56
CA TYR A 650 17.22 -15.67 -2.50
C TYR A 650 16.96 -16.68 -1.39
N ALA A 651 16.66 -16.15 -0.21
CA ALA A 651 16.31 -17.03 0.92
C ALA A 651 15.06 -17.88 0.63
N ASN A 652 14.10 -17.24 -0.03
CA ASN A 652 12.78 -17.86 -0.36
C ASN A 652 12.98 -19.05 -1.30
N TYR A 653 13.85 -18.88 -2.26
CA TYR A 653 14.13 -19.92 -3.24
C TYR A 653 14.82 -21.08 -2.53
N ALA A 654 15.84 -20.74 -1.72
CA ALA A 654 16.52 -21.75 -0.96
C ALA A 654 15.58 -22.51 -0.03
N ALA A 655 14.62 -21.82 0.60
CA ALA A 655 13.67 -22.48 1.50
C ALA A 655 12.76 -23.45 0.76
N LEU A 656 12.39 -23.12 -0.46
CA LEU A 656 11.45 -23.90 -1.18
C LEU A 656 12.10 -25.12 -1.87
N PHE A 657 13.31 -24.96 -2.32
CA PHE A 657 13.96 -25.91 -3.23
C PHE A 657 15.25 -26.52 -2.72
N GLU A 658 15.61 -26.34 -1.46
CA GLU A 658 16.90 -26.87 -0.95
C GLU A 658 16.86 -27.13 0.55
#